data_1KAR
#
_entry.id   1KAR
#
_cell.length_a   55.340
_cell.length_b   109.040
_cell.length_c   157.940
_cell.angle_alpha   90.00
_cell.angle_beta   90.00
_cell.angle_gamma   90.00
#
_symmetry.space_group_name_H-M   'P 21 21 21'
#
loop_
_entity.id
_entity.type
_entity.pdbx_description
1 polymer 'Histidinol dehydrogenase'
2 non-polymer 'ZINC ION'
3 non-polymer HISTAMINE
#
_entity_poly.entity_id   1
_entity_poly.type   'polypeptide(L)'
_entity_poly.pdbx_seq_one_letter_code
;(MSE)SFNTIIDWNSCTAEQQRQLL(MSE)RPAISASESITRTVNDILDNVKARGDEALREYSAKFDKTTVTALKVSAEE
IAAASERLSDELKQA(MSE)AVAVKNIETFHTAQKLPPVDVETQPGVRCQQVTRPVASVGLYIPGGSAPLFSTVL(MSE)
LATPASIAGCKKVVLCSPPPIADEILYAAQLCGVQDVFNVGGAQAIAALAFGTESVPKVDKIFGPGNAFVTEAKRQVSQR
LDGAAID(MSE)PAGPSEVLVIADSGATPDFVASDLLSQAEHGPDSQVILLTPAAD(MSE)ARRVAEAVERQLAELPRAE
TARQALNASRLIVTKDLAQCVEISNQYGPEHLIIQTRNARELVDSITSAGSVFLGDWSPESAGDYASGTNHVLPTYGYTA
TCSSLGLADFQKR(MSE)TVQELSKEGFSALASTIETLAAAERLTAHKNAVTLRVNALKEQA
;
_entity_poly.pdbx_strand_id   A,B
#
# COMPACT_ATOMS: atom_id res chain seq x y z
N ASN A 4 1.43 9.63 -37.50
CA ASN A 4 0.10 9.63 -38.11
C ASN A 4 -0.46 8.20 -38.11
N THR A 5 -0.84 7.70 -39.29
CA THR A 5 -1.39 6.34 -39.41
C THR A 5 -2.50 6.03 -38.39
N ILE A 6 -3.74 6.08 -38.85
CA ILE A 6 -4.89 5.81 -38.00
C ILE A 6 -5.14 4.31 -37.87
N ILE A 7 -5.64 3.89 -36.71
CA ILE A 7 -5.92 2.48 -36.48
C ILE A 7 -7.41 2.20 -36.42
N ASP A 8 -7.89 1.37 -37.33
CA ASP A 8 -9.30 1.01 -37.34
C ASP A 8 -9.41 -0.21 -36.43
N TRP A 9 -9.68 0.04 -35.16
CA TRP A 9 -9.77 -0.99 -34.15
C TRP A 9 -10.47 -2.28 -34.55
N ASN A 10 -11.68 -2.14 -35.08
CA ASN A 10 -12.46 -3.31 -35.45
C ASN A 10 -12.00 -4.07 -36.69
N SER A 11 -10.99 -3.54 -37.37
CA SER A 11 -10.44 -4.19 -38.54
C SER A 11 -9.24 -5.03 -38.08
N CYS A 12 -8.84 -4.86 -36.83
CA CYS A 12 -7.71 -5.59 -36.28
C CYS A 12 -8.12 -6.91 -35.68
N THR A 13 -7.24 -7.90 -35.78
CA THR A 13 -7.51 -9.23 -35.20
C THR A 13 -7.52 -9.05 -33.69
N ALA A 14 -8.05 -10.01 -32.96
CA ALA A 14 -8.09 -9.90 -31.50
C ALA A 14 -6.67 -9.79 -30.95
N GLU A 15 -5.75 -10.56 -31.53
CA GLU A 15 -4.36 -10.55 -31.07
C GLU A 15 -3.68 -9.23 -31.41
N GLN A 16 -3.87 -8.75 -32.64
CA GLN A 16 -3.26 -7.50 -33.06
C GLN A 16 -3.69 -6.40 -32.08
N GLN A 17 -4.93 -6.46 -31.62
CA GLN A 17 -5.46 -5.47 -30.70
C GLN A 17 -4.69 -5.45 -29.39
N ARG A 18 -4.70 -6.56 -28.65
CA ARG A 18 -3.98 -6.59 -27.39
C ARG A 18 -2.53 -6.19 -27.58
N GLN A 19 -2.00 -6.46 -28.76
CA GLN A 19 -0.63 -6.11 -29.06
C GLN A 19 -0.47 -4.60 -29.26
N LEU A 20 -1.51 -3.96 -29.78
CA LEU A 20 -1.50 -2.52 -30.01
C LEU A 20 -1.35 -1.71 -28.73
N LEU A 21 -1.94 -2.21 -27.64
CA LEU A 21 -1.85 -1.52 -26.36
C LEU A 21 -0.83 -2.09 -25.39
N ARG A 23 2.22 -2.59 -23.21
CA ARG A 23 3.20 -1.64 -22.71
C ARG A 23 4.61 -2.18 -22.95
N PRO A 24 5.60 -1.27 -23.02
CA PRO A 24 6.99 -1.66 -23.25
C PRO A 24 7.42 -2.80 -22.32
N ALA A 25 8.30 -3.67 -22.82
CA ALA A 25 8.78 -4.78 -22.01
C ALA A 25 9.85 -4.24 -21.06
N ILE A 26 10.01 -4.90 -19.91
CA ILE A 26 11.00 -4.47 -18.92
C ILE A 26 12.38 -5.09 -19.20
N SER A 27 13.31 -4.28 -19.71
CA SER A 27 14.64 -4.80 -19.99
C SER A 27 15.33 -5.06 -18.66
N ALA A 28 15.67 -3.98 -17.94
CA ALA A 28 16.32 -4.09 -16.65
C ALA A 28 17.64 -4.85 -16.77
N SER A 29 18.75 -4.12 -16.72
CA SER A 29 20.07 -4.73 -16.84
C SER A 29 20.65 -5.02 -15.47
N GLU A 30 21.37 -6.15 -15.36
CA GLU A 30 21.99 -6.53 -14.10
C GLU A 30 23.05 -5.49 -13.79
N SER A 31 23.63 -4.92 -14.85
CA SER A 31 24.66 -3.89 -14.72
C SER A 31 24.26 -2.90 -13.64
N ILE A 32 23.07 -2.32 -13.80
CA ILE A 32 22.55 -1.34 -12.86
C ILE A 32 22.15 -1.99 -11.52
N THR A 33 21.79 -3.26 -11.55
CA THR A 33 21.39 -3.95 -10.32
C THR A 33 22.61 -4.15 -9.42
N ARG A 34 23.75 -4.48 -10.02
CA ARG A 34 24.97 -4.70 -9.25
C ARG A 34 25.56 -3.34 -8.85
N THR A 35 25.50 -2.39 -9.78
CA THR A 35 26.02 -1.04 -9.54
C THR A 35 25.30 -0.41 -8.36
N VAL A 36 23.96 -0.43 -8.40
CA VAL A 36 23.16 0.11 -7.31
C VAL A 36 23.38 -0.70 -6.04
N ASN A 37 23.82 -1.94 -6.20
CA ASN A 37 24.08 -2.79 -5.04
C ASN A 37 25.35 -2.29 -4.35
N ASP A 38 26.39 -2.02 -5.15
CA ASP A 38 27.64 -1.52 -4.58
C ASP A 38 27.31 -0.26 -3.80
N ILE A 39 26.73 0.70 -4.51
CA ILE A 39 26.35 1.98 -3.93
C ILE A 39 25.66 1.86 -2.58
N LEU A 40 24.62 1.03 -2.50
CA LEU A 40 23.90 0.86 -1.24
C LEU A 40 24.81 0.35 -0.12
N ASP A 41 25.45 -0.80 -0.34
CA ASP A 41 26.35 -1.39 0.65
C ASP A 41 27.39 -0.38 1.12
N ASN A 42 27.95 0.35 0.15
CA ASN A 42 28.96 1.34 0.47
C ASN A 42 28.41 2.49 1.31
N VAL A 43 27.19 2.92 1.01
CA VAL A 43 26.58 4.03 1.75
C VAL A 43 26.21 3.60 3.16
N LYS A 44 25.76 2.36 3.31
CA LYS A 44 25.36 1.86 4.62
C LYS A 44 26.53 1.75 5.57
N ALA A 45 27.66 1.27 5.06
CA ALA A 45 28.86 1.06 5.86
C ALA A 45 29.69 2.31 6.15
N ARG A 46 29.98 3.10 5.11
CA ARG A 46 30.81 4.28 5.26
C ARG A 46 30.08 5.63 5.19
N GLY A 47 28.79 5.62 5.49
CA GLY A 47 27.98 6.83 5.50
C GLY A 47 28.42 8.02 4.66
N ASP A 48 28.47 9.19 5.28
CA ASP A 48 28.85 10.41 4.58
C ASP A 48 30.13 10.28 3.75
N GLU A 49 31.14 9.64 4.33
CA GLU A 49 32.40 9.46 3.61
C GLU A 49 32.13 8.87 2.23
N ALA A 50 31.20 7.93 2.16
CA ALA A 50 30.85 7.30 0.89
C ALA A 50 30.16 8.33 0.01
N LEU A 51 29.26 9.10 0.60
CA LEU A 51 28.52 10.12 -0.13
C LEU A 51 29.45 11.18 -0.75
N ARG A 52 30.37 11.70 0.04
CA ARG A 52 31.29 12.73 -0.47
C ARG A 52 32.11 12.21 -1.64
N GLU A 53 32.42 10.91 -1.61
CA GLU A 53 33.18 10.28 -2.68
C GLU A 53 32.39 10.30 -3.97
N TYR A 54 31.14 9.86 -3.89
CA TYR A 54 30.25 9.83 -5.06
C TYR A 54 30.00 11.26 -5.53
N SER A 55 30.26 12.22 -4.64
CA SER A 55 30.06 13.64 -4.95
C SER A 55 31.24 14.16 -5.76
N ALA A 56 31.94 13.25 -6.42
CA ALA A 56 33.08 13.60 -7.27
C ALA A 56 32.89 12.84 -8.57
N LYS A 57 32.54 11.57 -8.45
CA LYS A 57 32.30 10.69 -9.59
C LYS A 57 31.28 11.32 -10.53
N PHE A 58 30.04 11.47 -10.05
CA PHE A 58 28.98 12.07 -10.83
C PHE A 58 28.81 13.55 -10.48
N ASP A 59 28.85 14.40 -11.50
CA ASP A 59 28.72 15.84 -11.33
C ASP A 59 29.78 16.45 -10.42
N LYS A 60 30.47 17.47 -10.94
CA LYS A 60 31.49 18.15 -10.16
C LYS A 60 30.79 18.99 -9.10
N THR A 61 30.53 18.36 -7.97
CA THR A 61 29.87 19.03 -6.86
C THR A 61 30.79 19.03 -5.64
N THR A 62 31.55 17.93 -5.49
CA THR A 62 32.48 17.78 -4.37
C THR A 62 31.85 18.37 -3.12
N VAL A 63 30.62 17.93 -2.86
CA VAL A 63 29.82 18.37 -1.73
C VAL A 63 30.62 18.62 -0.46
N THR A 64 30.30 19.71 0.21
CA THR A 64 30.94 20.07 1.47
C THR A 64 29.99 19.61 2.56
N ALA A 65 29.12 20.52 2.99
CA ALA A 65 28.12 20.22 3.99
C ALA A 65 26.94 19.60 3.24
N LEU A 66 26.57 18.39 3.60
CA LEU A 66 25.46 17.72 2.96
C LEU A 66 24.14 18.48 3.08
N LYS A 67 23.93 19.13 4.23
CA LYS A 67 22.71 19.90 4.47
C LYS A 67 22.81 21.33 3.96
N VAL A 68 21.78 21.76 3.23
CA VAL A 68 21.73 23.11 2.70
C VAL A 68 21.40 24.01 3.89
N SER A 69 22.09 25.15 3.97
CA SER A 69 21.87 26.06 5.10
C SER A 69 20.60 26.89 4.94
N ALA A 70 20.18 27.53 6.03
CA ALA A 70 18.99 28.37 6.00
C ALA A 70 19.30 29.63 5.18
N GLU A 71 20.56 30.06 5.18
CA GLU A 71 20.96 31.24 4.43
C GLU A 71 20.86 30.96 2.94
N GLU A 72 21.36 29.79 2.54
CA GLU A 72 21.32 29.38 1.14
C GLU A 72 19.89 29.35 0.62
N ILE A 73 18.96 28.86 1.45
CA ILE A 73 17.56 28.80 1.07
C ILE A 73 17.03 30.21 0.92
N ALA A 74 17.38 31.07 1.86
CA ALA A 74 16.94 32.48 1.84
C ALA A 74 17.50 33.24 0.63
N ALA A 75 18.73 32.93 0.26
CA ALA A 75 19.35 33.59 -0.88
C ALA A 75 18.61 33.17 -2.14
N ALA A 76 18.26 31.88 -2.19
CA ALA A 76 17.56 31.34 -3.34
C ALA A 76 16.15 31.94 -3.44
N SER A 77 15.45 31.97 -2.32
CA SER A 77 14.09 32.51 -2.31
C SER A 77 14.03 33.96 -2.80
N GLU A 78 15.10 34.72 -2.59
CA GLU A 78 15.11 36.13 -3.01
C GLU A 78 15.30 36.29 -4.52
N ARG A 79 15.94 35.32 -5.15
CA ARG A 79 16.17 35.38 -6.59
C ARG A 79 14.97 34.94 -7.43
N LEU A 80 13.90 34.47 -6.79
CA LEU A 80 12.72 34.05 -7.53
C LEU A 80 11.75 35.20 -7.67
N SER A 81 11.11 35.29 -8.83
CA SER A 81 10.16 36.36 -9.09
C SER A 81 8.91 36.21 -8.24
N ASP A 82 8.18 37.31 -8.08
CA ASP A 82 6.96 37.33 -7.32
C ASP A 82 5.91 36.51 -8.06
N GLU A 83 5.92 36.61 -9.38
CA GLU A 83 4.97 35.87 -10.22
C GLU A 83 5.02 34.39 -9.91
N LEU A 84 6.23 33.83 -9.90
CA LEU A 84 6.43 32.42 -9.63
C LEU A 84 5.97 32.11 -8.20
N LYS A 85 6.57 32.80 -7.24
CA LYS A 85 6.22 32.61 -5.83
C LYS A 85 4.71 32.59 -5.62
N GLN A 86 4.01 33.51 -6.26
CA GLN A 86 2.55 33.56 -6.12
C GLN A 86 1.89 32.38 -6.83
N ALA A 87 2.50 31.95 -7.93
CA ALA A 87 1.96 30.81 -8.68
C ALA A 87 2.01 29.57 -7.76
N ALA A 89 1.99 29.50 -4.45
CA ALA A 89 1.07 29.62 -3.32
C ALA A 89 -0.32 29.17 -3.75
N VAL A 90 -0.65 29.41 -5.03
CA VAL A 90 -1.94 29.01 -5.55
C VAL A 90 -2.03 27.49 -5.61
N ALA A 91 -0.98 26.88 -6.14
CA ALA A 91 -0.91 25.43 -6.27
C ALA A 91 -0.99 24.76 -4.90
N VAL A 92 -0.13 25.20 -3.99
CA VAL A 92 -0.13 24.66 -2.64
C VAL A 92 -1.50 24.81 -1.97
N LYS A 93 -2.09 25.99 -2.07
CA LYS A 93 -3.40 26.19 -1.45
C LYS A 93 -4.43 25.18 -1.97
N ASN A 94 -4.46 24.96 -3.28
CA ASN A 94 -5.41 24.01 -3.83
C ASN A 94 -5.08 22.55 -3.49
N ILE A 95 -3.79 22.20 -3.55
CA ILE A 95 -3.36 20.83 -3.24
C ILE A 95 -3.70 20.54 -1.78
N GLU A 96 -3.46 21.53 -0.93
CA GLU A 96 -3.73 21.45 0.50
C GLU A 96 -5.22 21.19 0.73
N THR A 97 -6.08 21.93 0.03
CA THR A 97 -7.52 21.79 0.16
C THR A 97 -8.03 20.41 -0.26
N PHE A 98 -7.45 19.87 -1.32
CA PHE A 98 -7.88 18.56 -1.78
C PHE A 98 -7.44 17.43 -0.86
N HIS A 99 -6.18 17.45 -0.45
CA HIS A 99 -5.67 16.38 0.40
C HIS A 99 -6.27 16.44 1.80
N THR A 100 -6.39 17.63 2.37
CA THR A 100 -6.99 17.77 3.70
C THR A 100 -8.40 17.16 3.68
N ALA A 101 -9.05 17.22 2.53
CA ALA A 101 -10.39 16.68 2.39
C ALA A 101 -10.40 15.15 2.41
N GLN A 102 -9.23 14.55 2.25
CA GLN A 102 -9.11 13.10 2.24
C GLN A 102 -8.99 12.46 3.64
N LYS A 103 -8.94 13.28 4.68
CA LYS A 103 -8.83 12.76 6.03
C LYS A 103 -9.92 11.75 6.36
N LEU A 104 -9.52 10.55 6.76
CA LEU A 104 -10.48 9.52 7.11
C LEU A 104 -11.20 9.92 8.39
N PRO A 105 -12.54 10.04 8.33
CA PRO A 105 -13.26 10.42 9.54
C PRO A 105 -13.11 9.26 10.53
N PRO A 106 -13.04 9.57 11.83
CA PRO A 106 -12.87 8.53 12.85
C PRO A 106 -13.90 7.40 12.81
N VAL A 107 -13.43 6.18 13.04
CA VAL A 107 -14.30 4.99 13.03
C VAL A 107 -14.41 4.53 14.48
N ASP A 108 -15.63 4.53 15.00
CA ASP A 108 -15.85 4.15 16.39
C ASP A 108 -17.21 3.50 16.50
N VAL A 109 -17.23 2.18 16.63
CA VAL A 109 -18.50 1.49 16.72
C VAL A 109 -18.47 0.30 17.68
N GLU A 110 -19.66 -0.08 18.14
CA GLU A 110 -19.82 -1.22 18.99
C GLU A 110 -20.49 -2.26 18.10
N THR A 111 -19.76 -3.29 17.73
CA THR A 111 -20.29 -4.34 16.86
C THR A 111 -21.42 -5.06 17.61
N GLN A 112 -21.27 -5.10 18.93
CA GLN A 112 -22.25 -5.70 19.84
C GLN A 112 -22.15 -4.79 21.07
N PRO A 113 -23.19 -4.76 21.91
CA PRO A 113 -23.09 -3.90 23.09
C PRO A 113 -21.84 -4.29 23.89
N GLY A 114 -21.03 -3.31 24.29
CA GLY A 114 -19.85 -3.62 25.07
C GLY A 114 -18.63 -4.12 24.31
N VAL A 115 -18.70 -4.16 22.98
CA VAL A 115 -17.57 -4.58 22.14
C VAL A 115 -17.29 -3.39 21.22
N ARG A 116 -16.40 -2.52 21.68
CA ARG A 116 -16.07 -1.30 20.96
C ARG A 116 -14.84 -1.39 20.08
N CYS A 117 -15.04 -1.25 18.78
CA CYS A 117 -13.95 -1.31 17.82
C CYS A 117 -13.73 0.01 17.09
N GLN A 118 -12.48 0.44 17.03
CA GLN A 118 -12.16 1.69 16.36
C GLN A 118 -11.04 1.52 15.35
N GLN A 119 -10.98 2.46 14.41
CA GLN A 119 -9.93 2.49 13.41
C GLN A 119 -9.42 3.91 13.53
N VAL A 120 -8.16 4.08 13.89
CA VAL A 120 -7.61 5.43 14.01
C VAL A 120 -6.44 5.58 13.06
N THR A 121 -5.96 6.82 12.90
CA THR A 121 -4.84 7.06 12.01
C THR A 121 -3.61 7.58 12.72
N ARG A 122 -2.47 7.09 12.28
CA ARG A 122 -1.20 7.54 12.85
C ARG A 122 -0.32 7.90 11.66
N PRO A 123 0.41 9.01 11.75
CA PRO A 123 1.26 9.37 10.60
C PRO A 123 2.52 8.52 10.51
N VAL A 124 3.07 8.40 9.30
CA VAL A 124 4.31 7.68 9.13
C VAL A 124 5.32 8.57 9.86
N ALA A 125 6.09 7.98 10.76
CA ALA A 125 7.04 8.75 11.55
C ALA A 125 7.94 9.71 10.78
N SER A 126 8.71 9.21 9.82
CA SER A 126 9.58 10.08 9.05
C SER A 126 9.58 9.69 7.59
N VAL A 127 9.58 10.70 6.71
CA VAL A 127 9.55 10.46 5.28
C VAL A 127 10.62 11.25 4.53
N GLY A 128 11.22 10.62 3.54
CA GLY A 128 12.24 11.26 2.74
C GLY A 128 11.72 11.49 1.33
N LEU A 129 11.91 12.70 0.81
CA LEU A 129 11.45 13.06 -0.53
C LEU A 129 12.61 13.21 -1.51
N TYR A 130 12.54 12.49 -2.62
CA TYR A 130 13.59 12.58 -3.63
C TYR A 130 13.11 13.43 -4.81
N ILE A 131 13.96 14.35 -5.26
CA ILE A 131 13.62 15.25 -6.36
C ILE A 131 14.79 15.27 -7.35
N PRO A 132 14.56 14.83 -8.60
CA PRO A 132 15.62 14.82 -9.62
C PRO A 132 16.19 16.21 -9.84
N GLY A 133 17.48 16.30 -10.13
CA GLY A 133 18.09 17.59 -10.35
C GLY A 133 18.07 18.02 -11.81
N GLY A 134 19.08 18.76 -12.23
CA GLY A 134 19.15 19.20 -13.61
C GLY A 134 19.01 20.70 -13.73
N SER A 135 19.00 21.18 -14.96
CA SER A 135 18.87 22.61 -15.24
C SER A 135 17.44 23.10 -14.96
N ALA A 136 16.46 22.36 -15.47
CA ALA A 136 15.06 22.72 -15.26
C ALA A 136 14.37 21.59 -14.52
N PRO A 137 14.47 21.59 -13.19
CA PRO A 137 13.84 20.53 -12.40
C PRO A 137 12.33 20.72 -12.26
N LEU A 138 11.63 19.60 -12.10
CA LEU A 138 10.18 19.61 -11.92
C LEU A 138 9.87 19.86 -10.44
N PHE A 139 10.13 21.09 -10.00
CA PHE A 139 9.91 21.48 -8.60
C PHE A 139 8.47 21.31 -8.13
N SER A 140 7.53 21.21 -9.07
CA SER A 140 6.13 21.04 -8.71
C SER A 140 5.93 19.76 -7.89
N THR A 141 6.74 18.74 -8.17
CA THR A 141 6.65 17.48 -7.44
C THR A 141 6.92 17.72 -5.94
N VAL A 142 7.65 18.77 -5.62
CA VAL A 142 7.93 19.06 -4.21
C VAL A 142 6.61 19.37 -3.51
N LEU A 143 5.81 20.21 -4.13
CA LEU A 143 4.51 20.59 -3.59
C LEU A 143 3.62 19.36 -3.43
N LEU A 145 4.54 16.16 -2.90
CA LEU A 145 4.99 15.21 -1.89
C LEU A 145 5.01 15.80 -0.47
N ALA A 146 5.60 16.98 -0.35
CA ALA A 146 5.73 17.66 0.93
C ALA A 146 4.42 18.17 1.53
N THR A 147 3.43 18.48 0.69
CA THR A 147 2.17 18.99 1.21
C THR A 147 1.36 17.89 1.91
N PRO A 148 1.27 16.70 1.29
CA PRO A 148 0.49 15.67 2.01
C PRO A 148 1.24 15.25 3.28
N ALA A 149 2.56 15.22 3.21
CA ALA A 149 3.39 14.86 4.37
C ALA A 149 3.11 15.84 5.52
N SER A 150 2.91 17.12 5.18
CA SER A 150 2.63 18.14 6.18
C SER A 150 1.26 17.89 6.81
N ILE A 151 0.27 17.68 5.94
CA ILE A 151 -1.10 17.45 6.39
C ILE A 151 -1.27 16.22 7.28
N ALA A 152 -0.53 15.16 7.00
CA ALA A 152 -0.61 13.93 7.78
C ALA A 152 0.01 14.09 9.17
N GLY A 153 0.91 15.06 9.30
CA GLY A 153 1.56 15.30 10.57
C GLY A 153 2.83 14.49 10.74
N CYS A 154 3.52 14.21 9.65
CA CYS A 154 4.76 13.46 9.71
C CYS A 154 5.74 14.28 10.56
N LYS A 155 6.35 13.63 11.55
CA LYS A 155 7.28 14.31 12.46
C LYS A 155 8.56 14.78 11.77
N LYS A 156 9.05 13.98 10.84
CA LYS A 156 10.25 14.33 10.11
C LYS A 156 10.00 14.21 8.61
N VAL A 157 10.26 15.30 7.90
CA VAL A 157 10.11 15.37 6.45
C VAL A 157 11.41 15.91 5.89
N VAL A 158 12.15 15.09 5.14
CA VAL A 158 13.40 15.55 4.56
C VAL A 158 13.45 15.33 3.04
N LEU A 159 14.24 16.14 2.35
CA LEU A 159 14.35 16.05 0.90
C LEU A 159 15.80 15.99 0.38
N CYS A 160 16.04 15.11 -0.58
CA CYS A 160 17.35 14.97 -1.19
C CYS A 160 17.22 15.32 -2.67
N SER A 161 18.23 16.00 -3.21
CA SER A 161 18.24 16.36 -4.62
C SER A 161 19.70 16.59 -5.06
N PRO A 162 20.04 16.19 -6.30
CA PRO A 162 21.41 16.35 -6.81
C PRO A 162 21.90 17.80 -6.76
N PRO A 163 23.08 18.04 -6.18
CA PRO A 163 23.62 19.40 -6.10
C PRO A 163 24.24 19.81 -7.45
N PRO A 164 24.19 21.10 -7.78
CA PRO A 164 23.62 22.21 -7.02
C PRO A 164 22.09 22.20 -7.18
N ILE A 165 21.37 22.42 -6.10
CA ILE A 165 19.92 22.41 -6.14
C ILE A 165 19.35 23.76 -6.54
N ALA A 166 18.58 23.77 -7.63
CA ALA A 166 17.96 24.99 -8.17
C ALA A 166 17.17 25.76 -7.12
N ASP A 167 17.11 27.08 -7.30
CA ASP A 167 16.39 27.96 -6.39
C ASP A 167 14.93 27.54 -6.22
N GLU A 168 14.31 27.11 -7.32
CA GLU A 168 12.92 26.67 -7.31
C GLU A 168 12.64 25.50 -6.36
N ILE A 169 13.56 24.55 -6.28
CA ILE A 169 13.38 23.41 -5.40
C ILE A 169 13.51 23.87 -3.95
N LEU A 170 14.56 24.63 -3.66
CA LEU A 170 14.81 25.15 -2.32
C LEU A 170 13.59 25.90 -1.81
N TYR A 171 13.11 26.84 -2.59
CA TYR A 171 11.94 27.62 -2.20
C TYR A 171 10.70 26.73 -2.06
N ALA A 172 10.55 25.75 -2.95
CA ALA A 172 9.42 24.85 -2.88
C ALA A 172 9.44 24.07 -1.57
N ALA A 173 10.61 23.50 -1.26
CA ALA A 173 10.76 22.73 -0.03
C ALA A 173 10.40 23.61 1.17
N GLN A 174 10.98 24.80 1.22
CA GLN A 174 10.74 25.72 2.32
C GLN A 174 9.27 26.09 2.47
N LEU A 175 8.61 26.36 1.36
CA LEU A 175 7.21 26.74 1.38
C LEU A 175 6.32 25.64 1.98
N CYS A 176 6.65 24.38 1.72
CA CYS A 176 5.85 23.27 2.23
C CYS A 176 6.31 22.78 3.61
N GLY A 177 7.27 23.49 4.18
CA GLY A 177 7.77 23.15 5.49
C GLY A 177 8.73 21.97 5.58
N VAL A 178 9.43 21.66 4.49
CA VAL A 178 10.40 20.57 4.54
C VAL A 178 11.43 21.01 5.58
N GLN A 179 11.82 20.11 6.46
CA GLN A 179 12.77 20.45 7.51
C GLN A 179 14.23 20.54 7.06
N ASP A 180 14.67 19.52 6.34
CA ASP A 180 16.05 19.47 5.86
C ASP A 180 16.12 19.14 4.37
N VAL A 181 17.06 19.77 3.67
CA VAL A 181 17.27 19.55 2.25
C VAL A 181 18.73 19.12 2.16
N PHE A 182 18.99 17.99 1.51
CA PHE A 182 20.37 17.49 1.40
C PHE A 182 20.92 17.47 -0.02
N ASN A 183 22.19 17.86 -0.15
CA ASN A 183 22.90 17.87 -1.43
C ASN A 183 23.38 16.47 -1.78
N VAL A 184 22.46 15.63 -2.25
CA VAL A 184 22.78 14.26 -2.63
C VAL A 184 21.71 13.75 -3.62
N GLY A 185 22.11 12.90 -4.55
CA GLY A 185 21.15 12.38 -5.51
C GLY A 185 21.46 10.98 -5.96
N GLY A 186 20.82 10.54 -7.03
CA GLY A 186 21.05 9.21 -7.55
C GLY A 186 20.78 8.09 -6.57
N ALA A 187 21.34 6.92 -6.85
CA ALA A 187 21.16 5.76 -6.00
C ALA A 187 21.75 5.94 -4.61
N GLN A 188 22.68 6.89 -4.45
CA GLN A 188 23.27 7.10 -3.14
C GLN A 188 22.37 7.94 -2.23
N ALA A 189 21.50 8.75 -2.82
CA ALA A 189 20.59 9.56 -2.02
C ALA A 189 19.52 8.67 -1.41
N ILE A 190 19.08 7.67 -2.18
CA ILE A 190 18.07 6.74 -1.70
C ILE A 190 18.62 5.91 -0.54
N ALA A 191 19.85 5.44 -0.68
CA ALA A 191 20.49 4.66 0.38
C ALA A 191 20.66 5.49 1.65
N ALA A 192 21.03 6.76 1.48
CA ALA A 192 21.22 7.64 2.63
C ALA A 192 19.92 7.77 3.40
N LEU A 193 18.81 7.81 2.68
CA LEU A 193 17.51 7.93 3.32
C LEU A 193 17.07 6.61 3.95
N ALA A 194 17.35 5.51 3.28
CA ALA A 194 16.97 4.20 3.79
C ALA A 194 17.83 3.73 4.95
N PHE A 195 19.14 3.95 4.87
CA PHE A 195 20.06 3.53 5.92
C PHE A 195 20.43 4.66 6.88
N GLY A 196 20.43 5.89 6.37
CA GLY A 196 20.79 7.02 7.21
C GLY A 196 22.29 7.17 7.29
N THR A 197 22.76 8.40 7.49
CA THR A 197 24.20 8.67 7.62
C THR A 197 24.43 9.63 8.78
N GLU A 198 25.64 10.15 8.91
CA GLU A 198 25.93 11.08 9.99
C GLU A 198 25.14 12.37 9.77
N SER A 199 24.78 12.67 8.53
CA SER A 199 24.04 13.89 8.22
C SER A 199 22.60 13.63 7.79
N VAL A 200 22.40 12.58 6.99
CA VAL A 200 21.06 12.25 6.51
C VAL A 200 20.39 11.23 7.42
N PRO A 201 19.19 11.55 7.92
CA PRO A 201 18.43 10.66 8.81
C PRO A 201 17.81 9.46 8.12
N LYS A 202 17.70 8.34 8.84
CA LYS A 202 17.06 7.16 8.27
C LYS A 202 15.57 7.47 8.38
N VAL A 203 14.82 7.25 7.30
CA VAL A 203 13.38 7.53 7.32
C VAL A 203 12.61 6.23 7.18
N ASP A 204 11.30 6.28 7.44
CA ASP A 204 10.46 5.09 7.33
C ASP A 204 9.97 4.82 5.91
N LYS A 205 9.74 5.89 5.15
CA LYS A 205 9.24 5.74 3.78
C LYS A 205 9.86 6.77 2.85
N ILE A 206 10.19 6.34 1.64
CA ILE A 206 10.80 7.19 0.63
C ILE A 206 9.81 7.44 -0.52
N PHE A 207 9.70 8.71 -0.92
CA PHE A 207 8.77 9.10 -1.98
C PHE A 207 9.43 9.83 -3.14
N GLY A 208 8.87 9.68 -4.34
CA GLY A 208 9.40 10.38 -5.49
C GLY A 208 10.09 9.54 -6.53
N PRO A 209 9.80 9.78 -7.82
CA PRO A 209 10.40 9.03 -8.92
C PRO A 209 11.73 9.62 -9.36
N GLY A 210 12.45 8.89 -10.21
CA GLY A 210 13.74 9.34 -10.72
C GLY A 210 14.23 8.42 -11.83
N ASN A 211 15.47 8.58 -12.24
CA ASN A 211 16.04 7.76 -13.31
C ASN A 211 16.09 6.27 -12.98
N ALA A 212 16.76 5.52 -13.85
CA ALA A 212 16.89 4.08 -13.70
C ALA A 212 17.55 3.67 -12.38
N PHE A 213 18.67 4.33 -12.06
CA PHE A 213 19.39 4.02 -10.83
C PHE A 213 18.52 4.28 -9.59
N VAL A 214 17.88 5.43 -9.54
CA VAL A 214 17.02 5.78 -8.42
C VAL A 214 15.90 4.76 -8.27
N THR A 215 15.33 4.38 -9.40
CA THR A 215 14.25 3.40 -9.41
C THR A 215 14.74 2.08 -8.85
N GLU A 216 15.92 1.66 -9.30
CA GLU A 216 16.53 0.41 -8.85
C GLU A 216 16.82 0.46 -7.35
N ALA A 217 17.40 1.57 -6.91
CA ALA A 217 17.73 1.75 -5.50
C ALA A 217 16.47 1.67 -4.64
N LYS A 218 15.40 2.31 -5.09
CA LYS A 218 14.16 2.28 -4.32
C LYS A 218 13.68 0.83 -4.25
N ARG A 219 13.72 0.13 -5.38
CA ARG A 219 13.29 -1.27 -5.41
C ARG A 219 14.10 -2.08 -4.40
N GLN A 220 15.42 -1.94 -4.43
CA GLN A 220 16.26 -2.70 -3.51
C GLN A 220 16.03 -2.39 -2.03
N VAL A 221 15.98 -1.11 -1.67
CA VAL A 221 15.76 -0.76 -0.27
C VAL A 221 14.38 -1.15 0.19
N SER A 222 13.47 -1.37 -0.75
CA SER A 222 12.11 -1.76 -0.39
C SER A 222 12.05 -3.27 -0.10
N GLN A 223 13.06 -4.00 -0.58
CA GLN A 223 13.13 -5.46 -0.37
C GLN A 223 14.16 -5.86 0.69
N ARG A 224 14.81 -4.87 1.31
CA ARG A 224 15.82 -5.14 2.33
C ARG A 224 15.28 -4.84 3.72
N LEU A 225 15.57 -5.72 4.67
CA LEU A 225 15.11 -5.53 6.04
C LEU A 225 15.74 -4.29 6.65
N ASP A 226 16.97 -4.01 6.26
CA ASP A 226 17.67 -2.83 6.78
C ASP A 226 17.26 -1.54 6.08
N GLY A 227 16.68 -1.68 4.88
CA GLY A 227 16.25 -0.53 4.10
C GLY A 227 15.00 0.18 4.60
N ALA A 228 14.18 0.67 3.66
CA ALA A 228 12.96 1.37 4.00
C ALA A 228 11.85 1.13 2.97
N ALA A 229 10.63 1.54 3.31
CA ALA A 229 9.51 1.35 2.40
C ALA A 229 9.50 2.46 1.36
N ILE A 230 8.83 2.23 0.23
CA ILE A 230 8.76 3.24 -0.82
C ILE A 230 7.30 3.54 -1.16
N ASP A 231 7.07 4.65 -1.85
CA ASP A 231 5.72 5.06 -2.21
C ASP A 231 5.04 4.16 -3.23
N PRO A 233 5.96 1.45 -7.09
CA PRO A 233 6.87 1.02 -8.14
C PRO A 233 6.84 2.06 -9.25
N ALA A 234 7.79 1.99 -10.17
CA ALA A 234 7.84 2.96 -11.26
C ALA A 234 7.33 2.36 -12.56
N GLY A 235 7.41 3.17 -13.62
CA GLY A 235 6.96 2.74 -14.93
C GLY A 235 6.87 3.94 -15.83
N PRO A 236 6.76 3.78 -17.15
CA PRO A 236 6.66 4.91 -18.08
C PRO A 236 5.32 5.63 -17.86
N SER A 237 5.29 6.95 -18.01
CA SER A 237 4.06 7.71 -17.84
C SER A 237 3.10 7.44 -18.99
N GLU A 238 1.80 7.59 -18.77
CA GLU A 238 0.84 7.32 -19.82
C GLU A 238 -0.30 8.32 -19.86
N VAL A 239 -0.85 8.54 -21.05
CA VAL A 239 -2.01 9.39 -21.20
C VAL A 239 -2.90 8.75 -22.25
N LEU A 240 -4.20 8.72 -21.97
CA LEU A 240 -5.17 8.16 -22.89
C LEU A 240 -6.28 9.18 -22.99
N VAL A 241 -6.57 9.63 -24.22
CA VAL A 241 -7.63 10.62 -24.43
C VAL A 241 -8.79 9.97 -25.17
N ILE A 242 -10.00 10.19 -24.67
CA ILE A 242 -11.20 9.71 -25.32
C ILE A 242 -11.80 11.00 -25.87
N ALA A 243 -12.05 11.04 -27.17
CA ALA A 243 -12.62 12.25 -27.79
C ALA A 243 -13.77 11.92 -28.74
N ASP A 244 -14.88 12.61 -28.60
CA ASP A 244 -16.00 12.37 -29.49
C ASP A 244 -15.96 13.42 -30.59
N SER A 245 -16.94 13.39 -31.50
CA SER A 245 -16.96 14.34 -32.60
C SER A 245 -17.10 15.81 -32.15
N GLY A 246 -17.45 16.02 -30.88
CA GLY A 246 -17.57 17.39 -30.41
C GLY A 246 -16.28 17.96 -29.87
N ALA A 247 -15.24 17.15 -29.76
CA ALA A 247 -13.96 17.62 -29.23
C ALA A 247 -13.22 18.53 -30.19
N THR A 248 -12.27 19.29 -29.65
CA THR A 248 -11.46 20.20 -30.44
C THR A 248 -10.09 19.60 -30.72
N PRO A 249 -9.82 19.26 -31.99
CA PRO A 249 -8.53 18.67 -32.38
C PRO A 249 -7.31 19.26 -31.68
N ASP A 250 -7.19 20.59 -31.69
CA ASP A 250 -6.05 21.22 -31.05
C ASP A 250 -5.94 20.94 -29.55
N PHE A 251 -7.08 20.85 -28.86
CA PHE A 251 -7.07 20.58 -27.43
C PHE A 251 -6.58 19.16 -27.16
N VAL A 252 -7.10 18.21 -27.93
CA VAL A 252 -6.71 16.81 -27.81
C VAL A 252 -5.21 16.66 -28.04
N ALA A 253 -4.74 17.27 -29.12
CA ALA A 253 -3.32 17.20 -29.47
C ALA A 253 -2.43 17.80 -28.39
N SER A 254 -2.85 18.94 -27.83
CA SER A 254 -2.04 19.59 -26.81
C SER A 254 -1.87 18.69 -25.57
N ASP A 255 -2.85 17.82 -25.29
CA ASP A 255 -2.73 16.93 -24.13
C ASP A 255 -1.85 15.73 -24.47
N LEU A 256 -1.92 15.26 -25.70
CA LEU A 256 -1.09 14.14 -26.10
C LEU A 256 0.37 14.62 -26.05
N LEU A 257 0.61 15.84 -26.57
CA LEU A 257 1.95 16.42 -26.59
C LEU A 257 2.47 16.75 -25.20
N SER A 258 1.58 17.18 -24.30
CA SER A 258 1.96 17.48 -22.93
C SER A 258 2.57 16.22 -22.34
N GLN A 259 1.89 15.11 -22.55
CA GLN A 259 2.36 13.83 -22.05
C GLN A 259 3.65 13.40 -22.73
N ALA A 260 3.66 13.51 -24.05
CA ALA A 260 4.82 13.13 -24.84
C ALA A 260 6.12 13.83 -24.45
N GLU A 261 6.04 15.13 -24.15
CA GLU A 261 7.25 15.89 -23.80
C GLU A 261 7.86 15.52 -22.44
N HIS A 262 7.26 14.57 -21.73
CA HIS A 262 7.80 14.15 -20.45
C HIS A 262 8.99 13.20 -20.64
N GLY A 263 8.93 12.36 -21.67
CA GLY A 263 10.01 11.42 -21.92
C GLY A 263 9.77 10.55 -23.13
N PRO A 264 10.84 10.09 -23.81
CA PRO A 264 10.68 9.25 -25.00
C PRO A 264 9.88 7.98 -24.75
N ASP A 265 9.84 7.56 -23.49
CA ASP A 265 9.13 6.34 -23.09
C ASP A 265 7.65 6.55 -22.79
N SER A 266 7.19 7.79 -22.87
CA SER A 266 5.78 8.08 -22.59
C SER A 266 4.85 7.30 -23.53
N GLN A 267 3.75 6.82 -22.96
CA GLN A 267 2.73 6.09 -23.72
C GLN A 267 1.63 7.10 -24.02
N VAL A 268 1.31 7.26 -25.30
CA VAL A 268 0.30 8.24 -25.74
C VAL A 268 -0.79 7.58 -26.57
N ILE A 269 -2.03 7.66 -26.09
CA ILE A 269 -3.13 7.01 -26.79
C ILE A 269 -4.39 7.86 -27.00
N LEU A 270 -4.97 7.76 -28.20
CA LEU A 270 -6.21 8.46 -28.51
C LEU A 270 -7.26 7.42 -28.91
N LEU A 271 -8.46 7.55 -28.37
CA LEU A 271 -9.55 6.66 -28.73
C LEU A 271 -10.69 7.59 -29.15
N THR A 272 -11.27 7.32 -30.31
CA THR A 272 -12.38 8.15 -30.81
C THR A 272 -13.22 7.33 -31.80
N PRO A 273 -14.55 7.53 -31.76
CA PRO A 273 -15.42 6.78 -32.68
C PRO A 273 -15.53 7.46 -34.04
N ALA A 274 -14.79 8.54 -34.24
CA ALA A 274 -14.82 9.31 -35.48
C ALA A 274 -13.47 9.37 -36.18
N ALA A 275 -13.36 8.68 -37.33
CA ALA A 275 -12.12 8.67 -38.10
C ALA A 275 -11.74 10.11 -38.44
N ASP A 276 -12.75 10.93 -38.66
CA ASP A 276 -12.55 12.34 -38.96
C ASP A 276 -11.73 13.00 -37.85
N ALA A 278 -9.82 11.47 -35.51
CA ALA A 278 -8.49 10.89 -35.41
C ALA A 278 -7.55 11.58 -36.39
N ARG A 279 -8.04 11.78 -37.61
CA ARG A 279 -7.23 12.42 -38.65
C ARG A 279 -6.93 13.86 -38.29
N ARG A 280 -7.92 14.60 -37.81
CA ARG A 280 -7.70 16.00 -37.45
C ARG A 280 -6.76 16.12 -36.25
N VAL A 281 -6.83 15.16 -35.33
CA VAL A 281 -5.94 15.21 -34.19
C VAL A 281 -4.49 14.94 -34.65
N ALA A 282 -4.31 13.98 -35.54
CA ALA A 282 -2.98 13.68 -36.04
C ALA A 282 -2.39 14.93 -36.70
N GLU A 283 -3.21 15.67 -37.44
CA GLU A 283 -2.75 16.90 -38.10
C GLU A 283 -2.36 17.96 -37.10
N ALA A 284 -3.18 18.14 -36.07
CA ALA A 284 -2.91 19.13 -35.04
C ALA A 284 -1.63 18.77 -34.28
N VAL A 285 -1.39 17.48 -34.12
CA VAL A 285 -0.18 17.03 -33.43
C VAL A 285 1.02 17.45 -34.27
N GLU A 286 0.95 17.19 -35.58
CA GLU A 286 2.03 17.57 -36.49
C GLU A 286 2.35 19.06 -36.41
N ARG A 287 1.32 19.90 -36.56
CA ARG A 287 1.50 21.36 -36.50
C ARG A 287 2.08 21.84 -35.17
N GLN A 288 1.49 21.40 -34.05
CA GLN A 288 1.95 21.85 -32.74
C GLN A 288 3.37 21.40 -32.46
N LEU A 289 3.68 20.17 -32.86
CA LEU A 289 5.02 19.63 -32.66
C LEU A 289 6.09 20.53 -33.26
N ALA A 290 5.83 21.05 -34.46
CA ALA A 290 6.79 21.91 -35.17
C ALA A 290 7.15 23.21 -34.43
N GLU A 291 6.34 23.60 -33.45
CA GLU A 291 6.61 24.81 -32.68
C GLU A 291 7.25 24.53 -31.33
N LEU A 292 7.38 23.25 -30.96
CA LEU A 292 8.00 22.92 -29.67
C LEU A 292 9.51 22.92 -29.80
N PRO A 293 10.20 23.70 -28.96
CA PRO A 293 11.67 23.83 -28.94
C PRO A 293 12.41 22.51 -28.78
N ARG A 294 12.53 22.06 -27.54
CA ARG A 294 13.20 20.81 -27.24
C ARG A 294 12.15 19.73 -27.44
N ALA A 295 11.83 19.45 -28.69
CA ALA A 295 10.80 18.48 -29.03
C ALA A 295 11.31 17.25 -29.77
N GLU A 296 12.38 16.65 -29.26
CA GLU A 296 12.92 15.46 -29.88
C GLU A 296 12.32 14.27 -29.13
N THR A 297 12.20 14.40 -27.82
CA THR A 297 11.63 13.33 -27.02
C THR A 297 10.14 13.21 -27.33
N ALA A 298 9.48 14.34 -27.52
CA ALA A 298 8.04 14.32 -27.83
C ALA A 298 7.82 13.52 -29.11
N ARG A 299 8.65 13.80 -30.11
CA ARG A 299 8.52 13.11 -31.38
C ARG A 299 8.88 11.63 -31.18
N GLN A 300 9.92 11.38 -30.38
CA GLN A 300 10.34 10.02 -30.12
C GLN A 300 9.26 9.23 -29.38
N ALA A 301 8.56 9.91 -28.48
CA ALA A 301 7.50 9.28 -27.71
C ALA A 301 6.34 8.95 -28.65
N LEU A 302 6.04 9.87 -29.55
CA LEU A 302 4.95 9.68 -30.48
C LEU A 302 5.13 8.46 -31.40
N ASN A 303 6.35 7.97 -31.55
CA ASN A 303 6.59 6.81 -32.40
C ASN A 303 5.89 5.57 -31.86
N ALA A 304 5.52 5.62 -30.59
CA ALA A 304 4.84 4.51 -29.95
C ALA A 304 3.38 4.87 -29.70
N SER A 305 2.97 6.06 -30.12
CA SER A 305 1.59 6.47 -29.88
C SER A 305 0.59 5.64 -30.67
N ARG A 306 -0.67 5.77 -30.31
CA ARG A 306 -1.74 5.05 -31.00
C ARG A 306 -2.95 5.96 -31.16
N LEU A 307 -3.36 6.14 -32.40
CA LEU A 307 -4.52 6.95 -32.74
C LEU A 307 -5.50 5.88 -33.20
N ILE A 308 -6.40 5.55 -32.30
CA ILE A 308 -7.37 4.49 -32.55
C ILE A 308 -8.79 4.96 -32.77
N VAL A 309 -9.41 4.44 -33.83
CA VAL A 309 -10.79 4.76 -34.16
C VAL A 309 -11.62 3.58 -33.70
N THR A 310 -12.57 3.83 -32.79
CA THR A 310 -13.44 2.77 -32.29
C THR A 310 -14.78 2.82 -32.99
N LYS A 311 -15.64 1.84 -32.74
CA LYS A 311 -16.95 1.85 -33.37
C LYS A 311 -17.91 2.83 -32.69
N ASP A 312 -17.76 2.98 -31.38
CA ASP A 312 -18.62 3.89 -30.63
C ASP A 312 -17.99 4.31 -29.30
N LEU A 313 -18.69 5.17 -28.56
CA LEU A 313 -18.18 5.67 -27.29
C LEU A 313 -18.01 4.58 -26.24
N ALA A 314 -18.95 3.62 -26.21
CA ALA A 314 -18.87 2.54 -25.24
C ALA A 314 -17.58 1.76 -25.47
N GLN A 315 -17.22 1.54 -26.73
CA GLN A 315 -16.01 0.78 -26.99
C GLN A 315 -14.78 1.54 -26.50
N CYS A 316 -14.84 2.88 -26.50
CA CYS A 316 -13.72 3.66 -25.98
C CYS A 316 -13.57 3.35 -24.50
N VAL A 317 -14.67 3.39 -23.76
CA VAL A 317 -14.63 3.12 -22.33
C VAL A 317 -14.13 1.70 -22.07
N GLU A 318 -14.55 0.75 -22.90
CA GLU A 318 -14.14 -0.64 -22.76
C GLU A 318 -12.64 -0.81 -22.91
N ILE A 319 -12.07 -0.16 -23.91
CA ILE A 319 -10.64 -0.24 -24.17
C ILE A 319 -9.88 0.45 -23.05
N SER A 320 -10.35 1.62 -22.64
CA SER A 320 -9.70 2.37 -21.57
C SER A 320 -9.65 1.55 -20.28
N ASN A 321 -10.75 0.91 -19.91
CA ASN A 321 -10.80 0.12 -18.70
C ASN A 321 -9.82 -1.07 -18.72
N GLN A 322 -9.67 -1.71 -19.88
CA GLN A 322 -8.74 -2.83 -19.98
C GLN A 322 -7.31 -2.31 -19.78
N TYR A 323 -7.00 -1.19 -20.41
CA TYR A 323 -5.67 -0.58 -20.32
C TYR A 323 -5.38 -0.02 -18.93
N GLY A 324 -6.34 0.70 -18.36
CA GLY A 324 -6.13 1.29 -17.05
C GLY A 324 -5.02 2.32 -17.09
N PRO A 325 -5.21 3.42 -17.85
CA PRO A 325 -4.20 4.48 -17.99
C PRO A 325 -3.94 5.35 -16.77
N GLU A 326 -2.70 5.80 -16.67
CA GLU A 326 -2.28 6.69 -15.59
C GLU A 326 -3.17 7.93 -15.60
N HIS A 327 -3.26 8.59 -16.75
CA HIS A 327 -4.12 9.77 -16.91
C HIS A 327 -5.17 9.42 -17.95
N LEU A 328 -6.43 9.65 -17.64
CA LEU A 328 -7.51 9.41 -18.59
C LEU A 328 -8.16 10.78 -18.81
N ILE A 329 -8.20 11.23 -20.06
CA ILE A 329 -8.77 12.55 -20.33
C ILE A 329 -10.02 12.30 -21.17
N ILE A 330 -11.17 12.76 -20.70
CA ILE A 330 -12.41 12.53 -21.42
C ILE A 330 -12.93 13.80 -22.04
N GLN A 331 -12.62 14.00 -23.31
CA GLN A 331 -13.06 15.19 -24.01
C GLN A 331 -14.29 14.85 -24.86
N THR A 332 -15.39 14.52 -24.18
CA THR A 332 -16.66 14.18 -24.80
C THR A 332 -17.71 15.18 -24.31
N ARG A 333 -18.90 15.17 -24.92
CA ARG A 333 -19.92 16.12 -24.53
C ARG A 333 -20.66 15.85 -23.21
N ASN A 334 -20.57 14.62 -22.72
CA ASN A 334 -21.23 14.24 -21.48
C ASN A 334 -20.20 13.52 -20.62
N ALA A 335 -18.98 14.06 -20.57
CA ALA A 335 -17.88 13.46 -19.81
C ALA A 335 -18.24 12.96 -18.42
N ARG A 336 -18.82 13.84 -17.60
CA ARG A 336 -19.21 13.50 -16.24
C ARG A 336 -19.97 12.16 -16.16
N GLU A 337 -21.01 12.02 -16.97
CA GLU A 337 -21.80 10.80 -16.98
C GLU A 337 -20.99 9.53 -17.17
N LEU A 338 -19.88 9.60 -17.91
CA LEU A 338 -19.05 8.43 -18.16
C LEU A 338 -18.22 7.97 -16.96
N VAL A 339 -17.95 8.88 -16.04
CA VAL A 339 -17.13 8.58 -14.87
C VAL A 339 -17.54 7.32 -14.10
N ASP A 340 -18.84 7.09 -13.96
CA ASP A 340 -19.30 5.91 -13.24
C ASP A 340 -18.88 4.61 -13.92
N SER A 341 -18.77 4.63 -15.24
CA SER A 341 -18.39 3.44 -16.00
C SER A 341 -16.87 3.23 -16.10
N ILE A 342 -16.10 4.17 -15.56
CA ILE A 342 -14.63 4.06 -15.57
C ILE A 342 -14.20 3.28 -14.33
N THR A 343 -13.67 2.08 -14.53
CA THR A 343 -13.26 1.21 -13.43
C THR A 343 -11.77 1.23 -13.13
N SER A 344 -10.97 1.73 -14.06
CA SER A 344 -9.54 1.75 -13.84
C SER A 344 -8.81 2.90 -14.54
N ALA A 345 -8.25 3.80 -13.73
CA ALA A 345 -7.48 4.95 -14.22
C ALA A 345 -6.81 5.59 -13.01
N GLY A 346 -5.70 6.28 -13.23
CA GLY A 346 -5.02 6.94 -12.13
C GLY A 346 -5.73 8.24 -11.77
N SER A 347 -5.79 9.14 -12.73
CA SER A 347 -6.46 10.41 -12.53
C SER A 347 -7.27 10.69 -13.80
N VAL A 348 -8.51 11.12 -13.62
CA VAL A 348 -9.40 11.42 -14.75
C VAL A 348 -9.58 12.93 -14.90
N PHE A 349 -9.61 13.41 -16.15
CA PHE A 349 -9.79 14.83 -16.44
C PHE A 349 -11.04 14.92 -17.31
N LEU A 350 -12.01 15.73 -16.90
CA LEU A 350 -13.27 15.83 -17.63
C LEU A 350 -13.49 17.11 -18.42
N GLY A 351 -14.01 16.97 -19.63
CA GLY A 351 -14.30 18.14 -20.46
C GLY A 351 -13.13 18.74 -21.23
N ASP A 352 -13.42 19.78 -22.00
CA ASP A 352 -12.41 20.45 -22.81
C ASP A 352 -11.57 21.47 -22.07
N TRP A 353 -11.90 21.76 -20.82
CA TRP A 353 -11.14 22.76 -20.09
C TRP A 353 -10.35 22.21 -18.92
N SER A 354 -10.15 20.89 -18.92
CA SER A 354 -9.38 20.24 -17.86
C SER A 354 -8.10 19.64 -18.45
N PRO A 355 -7.19 20.50 -18.94
CA PRO A 355 -5.96 19.96 -19.51
C PRO A 355 -5.13 19.20 -18.49
N GLU A 356 -4.35 18.23 -18.96
CA GLU A 356 -3.50 17.45 -18.09
C GLU A 356 -2.69 18.42 -17.22
N SER A 357 -2.12 19.44 -17.85
CA SER A 357 -1.29 20.44 -17.17
C SER A 357 -1.99 21.10 -15.99
N ALA A 358 -3.31 21.12 -16.01
CA ALA A 358 -4.06 21.70 -14.91
C ALA A 358 -3.87 20.81 -13.69
N GLY A 359 -3.99 19.50 -13.88
CA GLY A 359 -3.82 18.56 -12.79
C GLY A 359 -2.37 18.48 -12.34
N ASP A 360 -1.44 18.63 -13.26
CA ASP A 360 -0.01 18.59 -12.90
C ASP A 360 0.36 19.74 -11.96
N TYR A 361 -0.28 20.90 -12.15
CA TYR A 361 0.09 22.08 -11.36
C TYR A 361 -0.84 22.75 -10.36
N ALA A 362 -2.10 22.95 -10.69
CA ALA A 362 -2.93 23.70 -9.74
C ALA A 362 -4.36 23.30 -9.43
N SER A 363 -4.90 22.26 -10.05
CA SER A 363 -6.27 21.88 -9.72
C SER A 363 -6.31 21.49 -8.25
N GLY A 364 -5.23 20.87 -7.78
CA GLY A 364 -5.17 20.45 -6.39
C GLY A 364 -4.98 18.95 -6.23
N THR A 365 -5.22 18.20 -7.30
CA THR A 365 -5.05 16.76 -7.23
C THR A 365 -3.56 16.46 -7.18
N ASN A 366 -3.20 15.21 -6.96
CA ASN A 366 -1.79 14.85 -6.90
C ASN A 366 -1.32 14.29 -8.24
N HIS A 367 -0.22 14.82 -8.77
CA HIS A 367 0.28 14.34 -10.06
C HIS A 367 1.22 13.15 -9.92
N VAL A 368 1.35 12.62 -8.71
CA VAL A 368 2.18 11.45 -8.47
C VAL A 368 1.19 10.29 -8.52
N LEU A 369 1.19 9.60 -9.65
CA LEU A 369 0.21 8.53 -9.88
C LEU A 369 0.74 7.16 -10.25
N PRO A 370 -0.09 6.13 -10.06
CA PRO A 370 0.31 4.77 -10.39
C PRO A 370 0.22 4.68 -11.92
N THR A 371 1.14 3.95 -12.53
CA THR A 371 1.14 3.79 -13.98
C THR A 371 1.60 2.38 -14.35
N TYR A 372 1.91 2.18 -15.63
CA TYR A 372 2.38 0.88 -16.11
C TYR A 372 1.48 -0.30 -15.71
N GLY A 373 0.17 -0.06 -15.65
CA GLY A 373 -0.77 -1.12 -15.30
C GLY A 373 -1.08 -1.24 -13.81
N TYR A 374 -0.28 -0.61 -12.96
CA TYR A 374 -0.51 -0.69 -11.51
C TYR A 374 -1.82 -0.04 -11.06
N THR A 375 -2.52 0.59 -11.99
CA THR A 375 -3.81 1.21 -11.68
C THR A 375 -4.79 0.10 -11.30
N ALA A 376 -4.36 -1.14 -11.51
CA ALA A 376 -5.18 -2.32 -11.21
C ALA A 376 -5.44 -2.45 -9.70
N THR A 377 -4.46 -2.11 -8.88
CA THR A 377 -4.65 -2.23 -7.43
C THR A 377 -4.08 -1.05 -6.65
N CYS A 378 -3.16 -0.32 -7.27
CA CYS A 378 -2.54 0.82 -6.60
C CYS A 378 -3.34 2.10 -6.85
N SER A 379 -3.11 3.11 -6.01
CA SER A 379 -3.85 4.37 -6.15
C SER A 379 -2.97 5.59 -6.28
N SER A 380 -3.56 6.69 -6.69
CA SER A 380 -2.84 7.94 -6.78
C SER A 380 -2.29 8.25 -5.40
N LEU A 381 -1.20 9.00 -5.37
CA LEU A 381 -0.62 9.38 -4.10
C LEU A 381 -1.65 10.31 -3.45
N GLY A 382 -1.87 10.12 -2.16
CA GLY A 382 -2.82 10.94 -1.43
C GLY A 382 -2.43 10.97 0.03
N LEU A 383 -3.29 11.49 0.88
CA LEU A 383 -2.99 11.56 2.31
C LEU A 383 -2.65 10.18 2.88
N ALA A 384 -3.42 9.20 2.47
CA ALA A 384 -3.26 7.83 2.94
C ALA A 384 -1.85 7.25 2.82
N ASP A 385 -1.06 7.72 1.87
CA ASP A 385 0.29 7.19 1.68
C ASP A 385 1.31 7.70 2.72
N PHE A 386 0.91 8.66 3.55
CA PHE A 386 1.79 9.21 4.57
C PHE A 386 1.29 8.94 5.98
N GLN A 387 0.45 7.91 6.11
CA GLN A 387 -0.08 7.55 7.40
C GLN A 387 -0.48 6.08 7.37
N LYS A 388 -1.03 5.57 8.47
CA LYS A 388 -1.45 4.19 8.52
C LYS A 388 -2.64 4.04 9.44
N ARG A 389 -3.48 3.04 9.14
CA ARG A 389 -4.68 2.76 9.92
C ARG A 389 -4.35 1.79 11.05
N THR A 391 -6.04 -0.25 14.40
CA THR A 391 -7.32 -0.56 15.00
C THR A 391 -7.19 -0.68 16.52
N VAL A 392 -8.29 -0.44 17.21
CA VAL A 392 -8.31 -0.50 18.67
C VAL A 392 -9.62 -1.13 19.12
N GLN A 393 -9.58 -1.93 20.17
CA GLN A 393 -10.80 -2.53 20.68
C GLN A 393 -10.79 -2.65 22.19
N GLU A 394 -11.97 -2.54 22.77
CA GLU A 394 -12.13 -2.67 24.20
C GLU A 394 -13.45 -3.34 24.46
N LEU A 395 -13.40 -4.47 25.15
CA LEU A 395 -14.62 -5.18 25.48
C LEU A 395 -14.91 -5.01 26.96
N SER A 396 -16.12 -4.57 27.30
CA SER A 396 -16.51 -4.39 28.68
C SER A 396 -16.71 -5.79 29.24
N LYS A 397 -16.98 -5.89 30.54
CA LYS A 397 -17.19 -7.20 31.13
C LYS A 397 -18.39 -7.85 30.46
N GLU A 398 -19.41 -7.05 30.20
CA GLU A 398 -20.63 -7.55 29.56
C GLU A 398 -20.36 -8.01 28.13
N GLY A 399 -19.73 -7.14 27.33
CA GLY A 399 -19.43 -7.49 25.95
C GLY A 399 -18.62 -8.76 25.88
N PHE A 400 -17.55 -8.85 26.67
CA PHE A 400 -16.72 -10.04 26.71
C PHE A 400 -17.53 -11.28 27.08
N SER A 401 -18.32 -11.19 28.16
CA SER A 401 -19.12 -12.33 28.60
C SER A 401 -20.08 -12.79 27.50
N ALA A 402 -20.61 -11.84 26.72
CA ALA A 402 -21.52 -12.20 25.65
C ALA A 402 -20.83 -12.89 24.47
N LEU A 403 -19.53 -12.65 24.32
CA LEU A 403 -18.76 -13.22 23.22
C LEU A 403 -17.93 -14.44 23.60
N ALA A 404 -17.70 -14.62 24.89
CA ALA A 404 -16.88 -15.71 25.39
C ALA A 404 -17.11 -17.09 24.77
N SER A 405 -18.38 -17.52 24.74
CA SER A 405 -18.70 -18.83 24.20
C SER A 405 -18.32 -18.92 22.72
N THR A 406 -18.62 -17.88 21.97
CA THR A 406 -18.28 -17.84 20.56
C THR A 406 -16.77 -18.01 20.36
N ILE A 407 -15.99 -17.28 21.15
CA ILE A 407 -14.53 -17.33 21.05
C ILE A 407 -13.97 -18.70 21.42
N GLU A 408 -14.49 -19.29 22.50
CA GLU A 408 -14.02 -20.62 22.90
C GLU A 408 -14.34 -21.67 21.82
N THR A 409 -15.53 -21.58 21.25
CA THR A 409 -15.92 -22.52 20.21
C THR A 409 -14.96 -22.43 19.04
N LEU A 410 -14.67 -21.21 18.59
CA LEU A 410 -13.76 -21.01 17.46
C LEU A 410 -12.34 -21.42 17.77
N ALA A 411 -11.81 -20.93 18.90
CA ALA A 411 -10.45 -21.27 19.28
C ALA A 411 -10.32 -22.79 19.39
N ALA A 412 -11.38 -23.43 19.89
CA ALA A 412 -11.39 -24.87 20.04
C ALA A 412 -11.32 -25.56 18.68
N ALA A 413 -12.08 -25.06 17.71
CA ALA A 413 -12.07 -25.68 16.37
C ALA A 413 -10.71 -25.52 15.67
N GLU A 414 -9.94 -24.51 16.05
CA GLU A 414 -8.63 -24.30 15.43
C GLU A 414 -7.53 -24.96 16.27
N ARG A 415 -7.94 -25.69 17.30
CA ARG A 415 -6.98 -26.37 18.18
C ARG A 415 -6.01 -25.41 18.86
N LEU A 416 -6.50 -24.23 19.24
CA LEU A 416 -5.64 -23.26 19.91
C LEU A 416 -6.04 -23.19 21.38
N THR A 417 -5.52 -24.14 22.14
CA THR A 417 -5.78 -24.27 23.57
C THR A 417 -5.54 -22.99 24.37
N ALA A 418 -4.34 -22.42 24.25
CA ALA A 418 -4.03 -21.19 24.97
C ALA A 418 -5.01 -20.08 24.60
N HIS A 419 -5.43 -20.03 23.34
CA HIS A 419 -6.41 -19.02 22.93
C HIS A 419 -7.71 -19.27 23.65
N LYS A 420 -8.08 -20.54 23.81
CA LYS A 420 -9.32 -20.85 24.50
C LYS A 420 -9.19 -20.60 26.01
N ASN A 421 -8.04 -20.97 26.58
CA ASN A 421 -7.81 -20.77 28.01
C ASN A 421 -7.82 -19.32 28.44
N ALA A 422 -7.43 -18.39 27.55
CA ALA A 422 -7.43 -16.97 27.89
C ALA A 422 -8.86 -16.53 28.15
N VAL A 423 -9.79 -17.18 27.49
CA VAL A 423 -11.20 -16.86 27.65
C VAL A 423 -11.74 -17.50 28.93
N THR A 424 -11.45 -18.78 29.13
CA THR A 424 -11.94 -19.48 30.31
C THR A 424 -11.46 -18.83 31.61
N LEU A 425 -10.19 -18.44 31.63
CA LEU A 425 -9.63 -17.79 32.82
C LEU A 425 -10.46 -16.56 33.15
N ARG A 426 -10.74 -15.75 32.13
CA ARG A 426 -11.50 -14.54 32.33
C ARG A 426 -12.96 -14.78 32.71
N VAL A 427 -13.59 -15.80 32.13
CA VAL A 427 -14.98 -16.08 32.47
C VAL A 427 -15.05 -16.57 33.91
N ASN A 428 -14.07 -17.36 34.33
CA ASN A 428 -14.08 -17.87 35.69
C ASN A 428 -13.87 -16.73 36.69
N ALA A 429 -13.00 -15.77 36.35
CA ALA A 429 -12.76 -14.62 37.21
C ALA A 429 -14.06 -13.84 37.39
N LEU A 430 -14.79 -13.64 36.30
CA LEU A 430 -16.04 -12.89 36.40
C LEU A 430 -17.11 -13.64 37.20
N LYS A 431 -17.18 -14.96 37.04
CA LYS A 431 -18.17 -15.72 37.80
C LYS A 431 -17.96 -15.53 39.29
N GLU A 432 -16.70 -15.51 39.72
CA GLU A 432 -16.39 -15.34 41.14
C GLU A 432 -16.67 -13.95 41.69
N GLN A 433 -16.68 -12.94 40.82
CA GLN A 433 -16.93 -11.57 41.24
C GLN A 433 -18.39 -11.15 41.06
N ALA A 434 -19.16 -12.01 40.40
CA ALA A 434 -20.56 -11.74 40.11
C ALA A 434 -21.46 -11.72 41.34
N ASN B 4 14.22 -18.19 30.96
CA ASN B 4 14.93 -17.13 31.68
C ASN B 4 14.10 -16.69 32.88
N THR B 5 14.21 -15.41 33.25
CA THR B 5 13.44 -14.87 34.35
C THR B 5 12.87 -13.48 34.03
N ILE B 6 13.64 -12.42 34.29
CA ILE B 6 13.17 -11.06 34.05
C ILE B 6 14.33 -10.12 33.68
N ILE B 7 14.05 -9.07 32.91
CA ILE B 7 15.09 -8.10 32.53
C ILE B 7 14.81 -6.70 33.11
N ASP B 8 15.78 -6.13 33.83
CA ASP B 8 15.61 -4.78 34.36
C ASP B 8 16.16 -3.85 33.29
N TRP B 9 15.25 -3.23 32.55
CA TRP B 9 15.59 -2.33 31.47
C TRP B 9 16.68 -1.33 31.78
N ASN B 10 16.46 -0.52 32.81
CA ASN B 10 17.42 0.51 33.19
C ASN B 10 18.74 0.01 33.73
N SER B 11 18.86 -1.31 33.89
CA SER B 11 20.10 -1.91 34.38
C SER B 11 20.94 -2.36 33.20
N CYS B 12 20.32 -2.41 32.02
CA CYS B 12 21.01 -2.80 30.80
C CYS B 12 21.82 -1.61 30.28
N THR B 13 22.83 -1.88 29.47
CA THR B 13 23.64 -0.80 28.90
C THR B 13 22.86 -0.21 27.72
N ALA B 14 23.19 1.01 27.32
CA ALA B 14 22.51 1.65 26.21
C ALA B 14 22.56 0.76 24.96
N GLU B 15 23.68 0.07 24.79
CA GLU B 15 23.86 -0.82 23.65
C GLU B 15 22.93 -2.02 23.73
N GLN B 16 22.87 -2.66 24.90
CA GLN B 16 22.02 -3.81 25.07
C GLN B 16 20.57 -3.40 24.85
N GLN B 17 20.19 -2.23 25.36
CA GLN B 17 18.82 -1.74 25.20
C GLN B 17 18.48 -1.63 23.72
N ARG B 18 19.44 -1.22 22.89
CA ARG B 18 19.17 -1.08 21.45
C ARG B 18 19.07 -2.45 20.75
N GLN B 19 19.76 -3.45 21.28
CA GLN B 19 19.74 -4.78 20.69
C GLN B 19 18.44 -5.49 20.99
N LEU B 20 17.91 -5.26 22.19
CA LEU B 20 16.65 -5.87 22.59
C LEU B 20 15.49 -5.42 21.71
N LEU B 21 15.52 -4.16 21.29
CA LEU B 21 14.46 -3.63 20.44
C LEU B 21 14.51 -4.16 19.00
N ARG B 23 14.69 -7.02 15.93
CA ARG B 23 14.11 -8.32 15.62
C ARG B 23 15.16 -9.15 14.87
N PRO B 24 15.05 -10.49 14.94
CA PRO B 24 16.00 -11.36 14.24
C PRO B 24 15.95 -11.15 12.73
N ALA B 25 17.01 -11.55 12.03
CA ALA B 25 17.06 -11.42 10.59
C ALA B 25 16.53 -12.70 9.94
N ILE B 26 15.88 -12.56 8.79
CA ILE B 26 15.32 -13.70 8.07
C ILE B 26 16.38 -14.61 7.43
N SER B 27 16.61 -14.40 6.14
CA SER B 27 17.59 -15.16 5.36
C SER B 27 17.37 -14.88 3.88
N ALA B 28 17.37 -15.93 3.08
CA ALA B 28 17.17 -15.81 1.64
C ALA B 28 17.11 -17.20 0.99
N SER B 29 18.04 -18.07 1.40
CA SER B 29 18.11 -19.42 0.87
C SER B 29 17.96 -19.44 -0.66
N GLU B 30 19.07 -19.26 -1.36
CA GLU B 30 19.05 -19.28 -2.82
C GLU B 30 18.34 -20.53 -3.32
N SER B 31 18.36 -21.58 -2.50
CA SER B 31 17.72 -22.85 -2.85
C SER B 31 16.20 -22.73 -2.96
N ILE B 32 15.57 -22.13 -1.95
CA ILE B 32 14.11 -21.98 -1.97
C ILE B 32 13.68 -20.94 -3.01
N THR B 33 14.50 -19.92 -3.23
CA THR B 33 14.17 -18.90 -4.21
C THR B 33 14.20 -19.55 -5.59
N ARG B 34 15.21 -20.37 -5.85
CA ARG B 34 15.33 -21.02 -7.15
C ARG B 34 14.19 -22.03 -7.33
N THR B 35 13.89 -22.78 -6.29
CA THR B 35 12.81 -23.77 -6.33
C THR B 35 11.50 -23.06 -6.70
N VAL B 36 11.17 -22.02 -5.94
CA VAL B 36 9.95 -21.26 -6.17
C VAL B 36 9.92 -20.66 -7.58
N ASN B 37 11.09 -20.21 -8.05
CA ASN B 37 11.16 -19.64 -9.39
C ASN B 37 10.75 -20.68 -10.44
N ASP B 38 11.28 -21.90 -10.32
CA ASP B 38 10.94 -22.95 -11.27
C ASP B 38 9.47 -23.35 -11.17
N ILE B 39 8.92 -23.29 -9.95
CA ILE B 39 7.52 -23.62 -9.74
C ILE B 39 6.64 -22.61 -10.47
N LEU B 40 6.87 -21.32 -10.23
CA LEU B 40 6.09 -20.28 -10.88
C LEU B 40 6.16 -20.40 -12.40
N ASP B 41 7.36 -20.45 -12.96
CA ASP B 41 7.49 -20.57 -14.41
C ASP B 41 6.80 -21.82 -14.94
N ASN B 42 6.97 -22.94 -14.25
CA ASN B 42 6.35 -24.18 -14.69
C ASN B 42 4.82 -24.08 -14.71
N VAL B 43 4.25 -23.41 -13.70
CA VAL B 43 2.80 -23.26 -13.63
C VAL B 43 2.28 -22.32 -14.72
N LYS B 44 3.01 -21.24 -15.00
CA LYS B 44 2.55 -20.30 -16.03
C LYS B 44 2.60 -20.94 -17.41
N ALA B 45 3.67 -21.67 -17.67
CA ALA B 45 3.86 -22.33 -18.95
C ALA B 45 2.98 -23.55 -19.21
N ARG B 46 2.75 -24.36 -18.19
CA ARG B 46 1.97 -25.60 -18.38
C ARG B 46 0.68 -25.81 -17.57
N GLY B 47 0.14 -24.72 -17.01
CA GLY B 47 -1.11 -24.78 -16.25
C GLY B 47 -1.45 -25.96 -15.37
N ASP B 48 -2.69 -26.43 -15.46
CA ASP B 48 -3.19 -27.54 -14.65
C ASP B 48 -2.37 -28.81 -14.72
N GLU B 49 -1.91 -29.14 -15.94
CA GLU B 49 -1.10 -30.33 -16.13
C GLU B 49 0.10 -30.23 -15.20
N ALA B 50 0.65 -29.03 -15.10
CA ALA B 50 1.80 -28.78 -14.24
C ALA B 50 1.38 -28.88 -12.78
N LEU B 51 0.14 -28.48 -12.48
CA LEU B 51 -0.36 -28.54 -11.12
C LEU B 51 -0.59 -29.97 -10.67
N ARG B 52 -1.09 -30.82 -11.59
CA ARG B 52 -1.35 -32.21 -11.26
C ARG B 52 -0.06 -33.03 -11.07
N GLU B 53 1.03 -32.55 -11.67
CA GLU B 53 2.32 -33.23 -11.54
C GLU B 53 2.84 -33.02 -10.13
N TYR B 54 2.59 -31.83 -9.59
CA TYR B 54 3.02 -31.49 -8.23
C TYR B 54 2.15 -32.23 -7.23
N SER B 55 0.84 -32.15 -7.41
CA SER B 55 -0.09 -32.83 -6.52
C SER B 55 0.25 -34.32 -6.52
N ALA B 56 0.64 -34.83 -7.67
CA ALA B 56 0.99 -36.23 -7.84
C ALA B 56 2.17 -36.67 -6.98
N LYS B 57 3.17 -35.82 -6.86
CA LYS B 57 4.35 -36.14 -6.07
C LYS B 57 4.22 -35.83 -4.58
N PHE B 58 3.45 -34.82 -4.22
CA PHE B 58 3.28 -34.45 -2.82
C PHE B 58 2.18 -35.24 -2.10
N ASP B 59 1.20 -35.74 -2.84
CA ASP B 59 0.12 -36.50 -2.23
C ASP B 59 -0.02 -37.92 -2.77
N LYS B 60 -0.72 -38.76 -2.03
CA LYS B 60 -0.92 -40.14 -2.42
C LYS B 60 -2.12 -40.26 -3.36
N THR B 61 -2.98 -39.25 -3.36
CA THR B 61 -4.15 -39.22 -4.22
C THR B 61 -4.10 -37.97 -5.10
N THR B 62 -3.44 -38.11 -6.25
CA THR B 62 -3.30 -37.01 -7.20
C THR B 62 -4.64 -36.33 -7.46
N VAL B 63 -4.66 -35.00 -7.37
CA VAL B 63 -5.87 -34.23 -7.60
C VAL B 63 -6.36 -34.44 -9.03
N THR B 64 -7.68 -34.44 -9.22
CA THR B 64 -8.26 -34.59 -10.55
C THR B 64 -8.93 -33.27 -10.89
N ALA B 65 -10.12 -33.06 -10.37
CA ALA B 65 -10.83 -31.80 -10.60
C ALA B 65 -10.20 -30.75 -9.66
N LEU B 66 -9.72 -29.65 -10.22
CA LEU B 66 -9.11 -28.63 -9.41
C LEU B 66 -10.14 -27.81 -8.63
N LYS B 67 -11.31 -27.58 -9.22
CA LYS B 67 -12.35 -26.80 -8.55
C LYS B 67 -13.23 -27.68 -7.64
N VAL B 68 -13.33 -27.31 -6.37
CA VAL B 68 -14.16 -28.07 -5.42
C VAL B 68 -15.60 -27.91 -5.89
N SER B 69 -16.34 -29.03 -5.94
CA SER B 69 -17.72 -29.02 -6.40
C SER B 69 -18.67 -28.43 -5.38
N ALA B 70 -19.81 -27.95 -5.85
CA ALA B 70 -20.83 -27.38 -4.98
C ALA B 70 -21.40 -28.51 -4.11
N GLU B 71 -21.27 -29.73 -4.62
CA GLU B 71 -21.73 -30.93 -3.94
C GLU B 71 -20.89 -31.19 -2.70
N GLU B 72 -19.57 -31.22 -2.88
CA GLU B 72 -18.65 -31.46 -1.78
C GLU B 72 -18.78 -30.38 -0.72
N ILE B 73 -19.06 -29.15 -1.15
CA ILE B 73 -19.22 -28.05 -0.22
C ILE B 73 -20.45 -28.24 0.68
N ALA B 74 -21.54 -28.76 0.11
CA ALA B 74 -22.75 -29.00 0.88
C ALA B 74 -22.54 -30.13 1.88
N ALA B 75 -21.74 -31.13 1.48
CA ALA B 75 -21.47 -32.26 2.34
C ALA B 75 -20.65 -31.81 3.56
N ALA B 76 -19.57 -31.08 3.30
CA ALA B 76 -18.73 -30.59 4.39
C ALA B 76 -19.56 -29.75 5.35
N SER B 77 -20.50 -29.00 4.81
CA SER B 77 -21.37 -28.13 5.61
C SER B 77 -22.26 -28.92 6.56
N GLU B 78 -22.79 -30.05 6.08
CA GLU B 78 -23.68 -30.89 6.87
C GLU B 78 -22.94 -31.55 8.04
N ARG B 79 -21.65 -31.83 7.84
CA ARG B 79 -20.83 -32.46 8.86
C ARG B 79 -20.43 -31.59 10.06
N LEU B 80 -20.56 -30.27 9.92
CA LEU B 80 -20.19 -29.37 11.02
C LEU B 80 -21.31 -29.18 12.03
N SER B 81 -20.94 -28.96 13.30
CA SER B 81 -21.92 -28.76 14.36
C SER B 81 -22.63 -27.42 14.25
N ASP B 82 -23.86 -27.36 14.76
CA ASP B 82 -24.64 -26.12 14.75
C ASP B 82 -23.93 -25.11 15.64
N GLU B 83 -23.24 -25.60 16.65
CA GLU B 83 -22.52 -24.71 17.56
C GLU B 83 -21.46 -23.94 16.78
N LEU B 84 -20.61 -24.67 16.07
CA LEU B 84 -19.55 -24.07 15.29
C LEU B 84 -20.09 -23.14 14.22
N LYS B 85 -21.10 -23.59 13.48
CA LYS B 85 -21.67 -22.77 12.42
C LYS B 85 -22.24 -21.47 12.97
N GLN B 86 -22.89 -21.55 14.13
CA GLN B 86 -23.45 -20.34 14.73
C GLN B 86 -22.33 -19.38 15.15
N ALA B 87 -21.25 -19.94 15.71
CA ALA B 87 -20.12 -19.11 16.15
C ALA B 87 -19.54 -18.32 14.99
N ALA B 89 -21.04 -17.36 12.37
CA ALA B 89 -22.01 -16.35 11.99
C ALA B 89 -21.84 -15.11 12.86
N VAL B 90 -21.55 -15.31 14.16
CA VAL B 90 -21.36 -14.19 15.06
C VAL B 90 -20.12 -13.42 14.61
N ALA B 91 -19.03 -14.15 14.36
CA ALA B 91 -17.78 -13.54 13.91
C ALA B 91 -17.99 -12.72 12.65
N VAL B 92 -18.53 -13.37 11.61
CA VAL B 92 -18.78 -12.70 10.34
C VAL B 92 -19.62 -11.44 10.52
N LYS B 93 -20.66 -11.52 11.33
CA LYS B 93 -21.52 -10.36 11.55
C LYS B 93 -20.74 -9.20 12.17
N ASN B 94 -19.90 -9.50 13.17
CA ASN B 94 -19.13 -8.44 13.79
C ASN B 94 -18.03 -7.96 12.86
N ILE B 95 -17.41 -8.89 12.14
CA ILE B 95 -16.36 -8.51 11.20
C ILE B 95 -16.99 -7.60 10.14
N GLU B 96 -18.17 -7.98 9.68
CA GLU B 96 -18.86 -7.18 8.67
C GLU B 96 -19.19 -5.77 9.16
N THR B 97 -19.73 -5.66 10.37
CA THR B 97 -20.09 -4.37 10.93
C THR B 97 -18.89 -3.44 11.04
N PHE B 98 -17.75 -3.97 11.50
CA PHE B 98 -16.58 -3.13 11.63
C PHE B 98 -16.04 -2.63 10.30
N HIS B 99 -15.90 -3.53 9.33
CA HIS B 99 -15.38 -3.17 8.02
C HIS B 99 -16.33 -2.29 7.21
N THR B 100 -17.63 -2.50 7.37
CA THR B 100 -18.59 -1.68 6.64
C THR B 100 -18.43 -0.25 7.12
N ALA B 101 -18.17 -0.08 8.41
CA ALA B 101 -17.99 1.24 9.00
C ALA B 101 -16.73 1.94 8.47
N GLN B 102 -15.92 1.23 7.71
CA GLN B 102 -14.70 1.81 7.18
C GLN B 102 -14.92 2.44 5.80
N LYS B 103 -16.15 2.35 5.29
CA LYS B 103 -16.47 2.92 3.98
C LYS B 103 -16.18 4.41 3.96
N LEU B 104 -15.37 4.86 3.01
CA LEU B 104 -15.00 6.27 2.91
C LEU B 104 -16.14 7.18 2.45
N PRO B 105 -16.33 8.32 3.14
CA PRO B 105 -17.40 9.23 2.73
C PRO B 105 -16.92 9.88 1.43
N PRO B 106 -17.84 10.43 0.63
CA PRO B 106 -17.43 11.05 -0.63
C PRO B 106 -16.46 12.21 -0.47
N VAL B 107 -15.47 12.27 -1.36
CA VAL B 107 -14.51 13.35 -1.33
C VAL B 107 -14.81 14.13 -2.61
N ASP B 108 -15.45 15.27 -2.43
CA ASP B 108 -15.86 16.11 -3.55
C ASP B 108 -15.74 17.57 -3.12
N VAL B 109 -14.74 18.28 -3.64
CA VAL B 109 -14.57 19.67 -3.25
C VAL B 109 -14.12 20.59 -4.39
N GLU B 110 -14.47 21.87 -4.30
CA GLU B 110 -14.05 22.83 -5.30
C GLU B 110 -12.89 23.58 -4.66
N THR B 111 -11.67 23.25 -5.05
CA THR B 111 -10.49 23.90 -4.49
C THR B 111 -10.71 25.41 -4.66
N GLN B 112 -11.43 25.78 -5.72
CA GLN B 112 -11.79 27.16 -5.99
C GLN B 112 -12.92 27.12 -7.01
N PRO B 113 -13.74 28.19 -7.09
CA PRO B 113 -14.86 28.23 -8.04
C PRO B 113 -14.57 27.62 -9.41
N GLY B 114 -15.37 26.61 -9.78
CA GLY B 114 -15.20 25.99 -11.08
C GLY B 114 -14.12 24.92 -11.19
N VAL B 115 -13.39 24.66 -10.10
CA VAL B 115 -12.36 23.62 -10.13
C VAL B 115 -12.79 22.52 -9.17
N ARG B 116 -13.54 21.56 -9.68
CA ARG B 116 -14.05 20.45 -8.87
C ARG B 116 -13.11 19.24 -8.87
N CYS B 117 -12.67 18.83 -7.68
CA CYS B 117 -11.78 17.68 -7.51
C CYS B 117 -12.41 16.62 -6.63
N GLN B 118 -12.40 15.37 -7.09
CA GLN B 118 -12.97 14.28 -6.31
C GLN B 118 -12.01 13.11 -6.18
N GLN B 119 -12.28 12.30 -5.17
CA GLN B 119 -11.55 11.08 -4.91
C GLN B 119 -12.64 10.02 -4.83
N VAL B 120 -12.65 9.09 -5.77
CA VAL B 120 -13.66 8.03 -5.72
C VAL B 120 -12.96 6.69 -5.57
N THR B 121 -13.65 5.72 -4.99
CA THR B 121 -13.05 4.42 -4.82
C THR B 121 -13.61 3.45 -5.85
N ARG B 122 -12.84 2.41 -6.12
CA ARG B 122 -13.25 1.40 -7.07
C ARG B 122 -12.66 0.13 -6.50
N PRO B 123 -13.44 -0.96 -6.50
CA PRO B 123 -12.93 -2.22 -5.96
C PRO B 123 -11.88 -2.85 -6.85
N VAL B 124 -11.04 -3.67 -6.25
CA VAL B 124 -10.05 -4.41 -7.03
C VAL B 124 -10.97 -5.44 -7.66
N ALA B 125 -10.88 -5.59 -8.99
CA ALA B 125 -11.74 -6.50 -9.75
C ALA B 125 -11.73 -7.95 -9.28
N SER B 126 -10.55 -8.54 -9.16
CA SER B 126 -10.46 -9.93 -8.73
C SER B 126 -9.39 -10.11 -7.69
N VAL B 127 -9.69 -10.91 -6.68
CA VAL B 127 -8.75 -11.18 -5.61
C VAL B 127 -8.71 -12.69 -5.35
N GLY B 128 -7.54 -13.19 -4.95
CA GLY B 128 -7.40 -14.59 -4.65
C GLY B 128 -6.97 -14.72 -3.21
N LEU B 129 -7.57 -15.65 -2.48
CA LEU B 129 -7.23 -15.85 -1.06
C LEU B 129 -6.57 -17.21 -0.85
N TYR B 130 -5.49 -17.23 -0.09
CA TYR B 130 -4.81 -18.49 0.16
C TYR B 130 -4.99 -18.90 1.62
N ILE B 131 -5.24 -20.18 1.84
CA ILE B 131 -5.43 -20.72 3.19
C ILE B 131 -4.63 -22.02 3.34
N PRO B 132 -3.70 -22.06 4.30
CA PRO B 132 -2.90 -23.27 4.52
C PRO B 132 -3.82 -24.40 4.97
N GLY B 133 -3.44 -25.64 4.71
CA GLY B 133 -4.27 -26.78 5.10
C GLY B 133 -3.72 -27.49 6.32
N GLY B 134 -3.94 -28.80 6.38
CA GLY B 134 -3.43 -29.56 7.50
C GLY B 134 -4.45 -29.96 8.54
N SER B 135 -3.94 -30.41 9.68
CA SER B 135 -4.78 -30.85 10.79
C SER B 135 -5.57 -29.71 11.43
N ALA B 136 -4.86 -28.73 11.98
CA ALA B 136 -5.48 -27.59 12.63
C ALA B 136 -5.53 -26.39 11.68
N PRO B 137 -6.54 -26.34 10.79
CA PRO B 137 -6.69 -25.24 9.83
C PRO B 137 -7.28 -23.99 10.45
N LEU B 138 -6.63 -22.86 10.19
CA LEU B 138 -7.12 -21.59 10.72
C LEU B 138 -8.15 -21.04 9.74
N PHE B 139 -9.36 -21.63 9.80
CA PHE B 139 -10.47 -21.23 8.93
C PHE B 139 -10.97 -19.81 9.18
N SER B 140 -10.70 -19.29 10.37
CA SER B 140 -11.13 -17.93 10.69
C SER B 140 -10.53 -16.92 9.73
N THR B 141 -9.35 -17.20 9.20
CA THR B 141 -8.71 -16.26 8.29
C THR B 141 -9.59 -16.07 7.05
N VAL B 142 -10.31 -17.12 6.68
CA VAL B 142 -11.21 -17.06 5.55
C VAL B 142 -12.23 -15.94 5.79
N LEU B 143 -12.77 -15.89 7.01
CA LEU B 143 -13.76 -14.87 7.38
C LEU B 143 -13.15 -13.46 7.29
N LEU B 145 -10.66 -12.45 5.35
CA LEU B 145 -10.29 -12.06 4.00
C LEU B 145 -11.50 -11.91 3.08
N ALA B 146 -12.38 -12.91 3.09
CA ALA B 146 -13.55 -12.90 2.24
C ALA B 146 -14.57 -11.83 2.60
N THR B 147 -14.68 -11.51 3.89
CA THR B 147 -15.65 -10.52 4.34
C THR B 147 -15.38 -9.13 3.80
N PRO B 148 -14.16 -8.59 3.98
CA PRO B 148 -13.89 -7.24 3.45
C PRO B 148 -13.98 -7.24 1.93
N ALA B 149 -13.62 -8.36 1.31
CA ALA B 149 -13.67 -8.48 -0.15
C ALA B 149 -15.10 -8.29 -0.65
N SER B 150 -16.04 -8.96 0.02
CA SER B 150 -17.45 -8.86 -0.34
C SER B 150 -17.94 -7.44 -0.19
N ILE B 151 -17.58 -6.82 0.93
CA ILE B 151 -17.99 -5.45 1.20
C ILE B 151 -17.42 -4.46 0.17
N ALA B 152 -16.17 -4.66 -0.22
CA ALA B 152 -15.53 -3.76 -1.19
C ALA B 152 -16.22 -3.81 -2.56
N GLY B 153 -16.78 -4.96 -2.90
CA GLY B 153 -17.46 -5.11 -4.17
C GLY B 153 -16.65 -5.81 -5.25
N CYS B 154 -15.56 -6.46 -4.84
CA CYS B 154 -14.71 -7.18 -5.78
C CYS B 154 -15.58 -8.11 -6.62
N LYS B 155 -15.43 -8.07 -7.94
CA LYS B 155 -16.23 -8.88 -8.85
C LYS B 155 -15.97 -10.38 -8.72
N LYS B 156 -14.74 -10.74 -8.43
CA LYS B 156 -14.42 -12.15 -8.30
C LYS B 156 -13.59 -12.41 -7.06
N VAL B 157 -13.98 -13.44 -6.32
CA VAL B 157 -13.29 -13.83 -5.11
C VAL B 157 -13.13 -15.34 -5.19
N VAL B 158 -11.89 -15.82 -5.17
CA VAL B 158 -11.64 -17.24 -5.25
C VAL B 158 -10.66 -17.59 -4.16
N LEU B 159 -10.63 -18.86 -3.78
CA LEU B 159 -9.76 -19.31 -2.71
C LEU B 159 -9.07 -20.64 -3.05
N CYS B 160 -7.78 -20.74 -2.69
CA CYS B 160 -7.02 -21.95 -2.92
C CYS B 160 -6.56 -22.48 -1.57
N SER B 161 -6.58 -23.80 -1.42
CA SER B 161 -6.13 -24.42 -0.19
C SER B 161 -5.75 -25.88 -0.51
N PRO B 162 -4.65 -26.36 0.09
CA PRO B 162 -4.11 -27.73 -0.08
C PRO B 162 -5.12 -28.82 0.21
N PRO B 163 -5.36 -29.71 -0.76
CA PRO B 163 -6.33 -30.79 -0.53
C PRO B 163 -5.75 -31.91 0.33
N PRO B 164 -6.60 -32.62 1.07
CA PRO B 164 -8.06 -32.40 1.14
C PRO B 164 -8.37 -31.16 1.98
N ILE B 165 -9.35 -30.38 1.54
CA ILE B 165 -9.73 -29.16 2.24
C ILE B 165 -10.76 -29.37 3.34
N ALA B 166 -10.36 -29.08 4.58
CA ALA B 166 -11.22 -29.25 5.75
C ALA B 166 -12.61 -28.67 5.55
N ASP B 167 -13.59 -29.32 6.18
CA ASP B 167 -14.98 -28.88 6.09
C ASP B 167 -15.16 -27.43 6.55
N GLU B 168 -14.44 -27.05 7.61
CA GLU B 168 -14.53 -25.70 8.15
C GLU B 168 -14.17 -24.62 7.14
N ILE B 169 -13.10 -24.83 6.38
CA ILE B 169 -12.68 -23.86 5.38
C ILE B 169 -13.77 -23.71 4.33
N LEU B 170 -14.20 -24.86 3.80
CA LEU B 170 -15.24 -24.90 2.77
C LEU B 170 -16.48 -24.19 3.26
N TYR B 171 -16.85 -24.45 4.50
CA TYR B 171 -18.03 -23.80 5.06
C TYR B 171 -17.80 -22.30 5.21
N ALA B 172 -16.65 -21.92 5.74
CA ALA B 172 -16.33 -20.52 5.95
C ALA B 172 -16.35 -19.76 4.62
N ALA B 173 -15.87 -20.42 3.57
CA ALA B 173 -15.83 -19.85 2.23
C ALA B 173 -17.24 -19.61 1.72
N GLN B 174 -18.07 -20.64 1.80
CA GLN B 174 -19.44 -20.53 1.34
C GLN B 174 -20.14 -19.41 2.12
N LEU B 175 -19.97 -19.44 3.43
CA LEU B 175 -20.56 -18.45 4.32
C LEU B 175 -20.28 -17.01 3.88
N CYS B 176 -19.06 -16.75 3.41
CA CYS B 176 -18.70 -15.38 3.00
C CYS B 176 -18.83 -15.13 1.50
N GLY B 177 -19.53 -16.02 0.81
CA GLY B 177 -19.74 -15.85 -0.60
C GLY B 177 -18.56 -16.09 -1.52
N VAL B 178 -17.54 -16.81 -1.04
CA VAL B 178 -16.42 -17.07 -1.92
C VAL B 178 -16.97 -17.85 -3.11
N GLN B 179 -16.69 -17.36 -4.31
CA GLN B 179 -17.18 -17.97 -5.53
C GLN B 179 -16.59 -19.34 -5.87
N ASP B 180 -15.27 -19.41 -5.93
CA ASP B 180 -14.63 -20.66 -6.27
C ASP B 180 -13.52 -21.04 -5.30
N VAL B 181 -13.42 -22.35 -5.05
CA VAL B 181 -12.41 -22.90 -4.16
C VAL B 181 -11.61 -23.95 -4.95
N PHE B 182 -10.29 -23.86 -4.92
CA PHE B 182 -9.46 -24.79 -5.68
C PHE B 182 -8.50 -25.66 -4.88
N ASN B 183 -8.42 -26.93 -5.25
CA ASN B 183 -7.54 -27.88 -4.60
C ASN B 183 -6.09 -27.70 -4.99
N VAL B 184 -5.46 -26.66 -4.46
CA VAL B 184 -4.06 -26.37 -4.74
C VAL B 184 -3.46 -25.62 -3.55
N GLY B 185 -2.21 -25.93 -3.24
CA GLY B 185 -1.56 -25.26 -2.12
C GLY B 185 -0.13 -24.86 -2.45
N GLY B 186 0.56 -24.35 -1.44
CA GLY B 186 1.95 -23.94 -1.60
C GLY B 186 2.21 -22.88 -2.64
N ALA B 187 3.44 -22.88 -3.15
CA ALA B 187 3.85 -21.92 -4.16
C ALA B 187 3.11 -22.14 -5.49
N GLN B 188 2.50 -23.30 -5.66
CA GLN B 188 1.78 -23.57 -6.90
C GLN B 188 0.45 -22.82 -6.92
N ALA B 189 -0.22 -22.76 -5.78
CA ALA B 189 -1.50 -22.06 -5.68
C ALA B 189 -1.29 -20.58 -5.97
N ILE B 190 -0.26 -20.00 -5.36
CA ILE B 190 0.07 -18.59 -5.54
C ILE B 190 0.33 -18.35 -7.02
N ALA B 191 1.12 -19.25 -7.62
CA ALA B 191 1.45 -19.16 -9.04
C ALA B 191 0.16 -19.26 -9.87
N ALA B 192 -0.71 -20.19 -9.48
CA ALA B 192 -1.97 -20.39 -10.18
C ALA B 192 -2.84 -19.14 -10.14
N LEU B 193 -2.91 -18.50 -8.97
CA LEU B 193 -3.70 -17.28 -8.80
C LEU B 193 -3.07 -16.07 -9.50
N ALA B 194 -1.75 -15.99 -9.46
CA ALA B 194 -1.02 -14.89 -10.07
C ALA B 194 -0.97 -14.94 -11.60
N PHE B 195 -0.93 -16.15 -12.15
CA PHE B 195 -0.85 -16.30 -13.60
C PHE B 195 -2.13 -16.79 -14.24
N GLY B 196 -2.85 -17.64 -13.53
CA GLY B 196 -4.06 -18.22 -14.07
C GLY B 196 -3.70 -19.48 -14.83
N THR B 197 -4.60 -20.45 -14.84
CA THR B 197 -4.44 -21.72 -15.56
C THR B 197 -5.79 -22.00 -16.20
N GLU B 198 -5.93 -23.18 -16.82
CA GLU B 198 -7.19 -23.52 -17.48
C GLU B 198 -8.37 -23.47 -16.51
N SER B 199 -8.10 -23.87 -15.27
CA SER B 199 -9.11 -23.92 -14.20
C SER B 199 -9.12 -22.69 -13.29
N VAL B 200 -7.95 -22.30 -12.81
CA VAL B 200 -7.83 -21.18 -11.88
C VAL B 200 -7.74 -19.81 -12.58
N PRO B 201 -8.60 -18.86 -12.21
CA PRO B 201 -8.54 -17.56 -12.84
C PRO B 201 -7.37 -16.71 -12.34
N LYS B 202 -6.83 -15.89 -13.22
CA LYS B 202 -5.75 -14.98 -12.87
C LYS B 202 -6.40 -13.84 -12.07
N VAL B 203 -5.86 -13.51 -10.90
CA VAL B 203 -6.45 -12.44 -10.10
C VAL B 203 -5.51 -11.24 -9.99
N ASP B 204 -6.07 -10.08 -9.66
CA ASP B 204 -5.31 -8.84 -9.50
C ASP B 204 -4.49 -8.78 -8.23
N LYS B 205 -4.99 -9.36 -7.14
CA LYS B 205 -4.27 -9.31 -5.87
C LYS B 205 -4.48 -10.60 -5.06
N ILE B 206 -3.42 -11.01 -4.36
CA ILE B 206 -3.44 -12.24 -3.57
C ILE B 206 -3.33 -11.94 -2.08
N PHE B 207 -4.23 -12.52 -1.28
CA PHE B 207 -4.25 -12.30 0.17
C PHE B 207 -4.10 -13.58 0.99
N GLY B 208 -3.42 -13.46 2.14
CA GLY B 208 -3.24 -14.60 3.02
C GLY B 208 -1.81 -15.07 3.21
N PRO B 209 -1.39 -15.32 4.46
CA PRO B 209 -0.03 -15.78 4.77
C PRO B 209 0.09 -17.29 4.58
N GLY B 210 1.31 -17.78 4.58
CA GLY B 210 1.56 -19.21 4.41
C GLY B 210 2.97 -19.57 4.87
N ASN B 211 3.46 -20.73 4.46
CA ASN B 211 4.81 -21.14 4.86
C ASN B 211 5.86 -20.37 4.08
N ALA B 212 7.12 -20.75 4.25
CA ALA B 212 8.22 -20.08 3.57
C ALA B 212 8.09 -20.06 2.05
N PHE B 213 7.61 -21.15 1.46
CA PHE B 213 7.47 -21.20 0.01
C PHE B 213 6.34 -20.31 -0.48
N VAL B 214 5.26 -20.24 0.29
CA VAL B 214 4.13 -19.39 -0.08
C VAL B 214 4.64 -17.96 -0.02
N THR B 215 5.29 -17.61 1.09
CA THR B 215 5.82 -16.28 1.29
C THR B 215 6.72 -15.87 0.13
N GLU B 216 7.68 -16.72 -0.22
CA GLU B 216 8.61 -16.43 -1.31
C GLU B 216 7.86 -16.30 -2.64
N ALA B 217 6.84 -17.15 -2.84
CA ALA B 217 6.04 -17.13 -4.06
C ALA B 217 5.29 -15.80 -4.14
N LYS B 218 4.76 -15.33 -3.02
CA LYS B 218 4.04 -14.06 -3.02
C LYS B 218 5.02 -12.90 -3.28
N ARG B 219 6.23 -13.00 -2.75
CA ARG B 219 7.22 -11.95 -2.98
C ARG B 219 7.56 -11.90 -4.47
N GLN B 220 7.77 -13.08 -5.05
CA GLN B 220 8.12 -13.14 -6.46
C GLN B 220 7.02 -12.66 -7.42
N VAL B 221 5.77 -13.08 -7.21
CA VAL B 221 4.74 -12.62 -8.12
C VAL B 221 4.48 -11.12 -7.96
N SER B 222 4.74 -10.59 -6.77
CA SER B 222 4.52 -9.16 -6.53
C SER B 222 5.56 -8.35 -7.28
N GLN B 223 6.71 -8.98 -7.55
CA GLN B 223 7.81 -8.32 -8.26
C GLN B 223 7.75 -8.51 -9.78
N ARG B 224 7.11 -9.57 -10.25
CA ARG B 224 7.00 -9.82 -11.69
C ARG B 224 5.89 -8.99 -12.31
N LEU B 225 6.07 -8.56 -13.56
CA LEU B 225 5.09 -7.75 -14.26
C LEU B 225 3.89 -8.61 -14.66
N ASP B 226 4.14 -9.87 -14.97
CA ASP B 226 3.05 -10.76 -15.36
C ASP B 226 2.44 -11.43 -14.12
N GLY B 227 2.78 -10.90 -12.95
CA GLY B 227 2.27 -11.47 -11.71
C GLY B 227 1.05 -10.78 -11.15
N ALA B 228 1.04 -10.55 -9.84
CA ALA B 228 -0.10 -9.90 -9.19
C ALA B 228 0.38 -9.20 -7.94
N ALA B 229 -0.46 -8.33 -7.39
CA ALA B 229 -0.10 -7.63 -6.15
C ALA B 229 -0.39 -8.56 -4.97
N ILE B 230 0.18 -8.26 -3.81
CA ILE B 230 -0.06 -9.07 -2.62
C ILE B 230 -0.50 -8.17 -1.47
N ASP B 231 -1.17 -8.75 -0.47
CA ASP B 231 -1.64 -7.96 0.65
C ASP B 231 -0.53 -7.28 1.42
N PRO B 233 3.89 -8.05 3.06
CA PRO B 233 5.02 -8.97 3.29
C PRO B 233 4.80 -9.67 4.63
N ALA B 234 5.51 -10.77 4.86
CA ALA B 234 5.32 -11.51 6.09
C ALA B 234 6.45 -11.35 7.11
N GLY B 235 6.37 -12.14 8.17
CA GLY B 235 7.38 -12.11 9.21
C GLY B 235 6.82 -12.74 10.48
N PRO B 236 7.66 -13.05 11.47
CA PRO B 236 7.20 -13.64 12.72
C PRO B 236 6.10 -12.82 13.36
N SER B 237 5.17 -13.50 14.04
CA SER B 237 4.04 -12.84 14.71
C SER B 237 4.52 -12.32 16.07
N GLU B 238 3.90 -11.25 16.57
CA GLU B 238 4.34 -10.66 17.83
C GLU B 238 3.22 -10.14 18.72
N VAL B 239 3.50 -10.05 20.02
CA VAL B 239 2.54 -9.48 20.96
C VAL B 239 3.34 -8.76 22.01
N LEU B 240 2.87 -7.61 22.44
CA LEU B 240 3.53 -6.82 23.46
C LEU B 240 2.46 -6.43 24.46
N VAL B 241 2.69 -6.79 25.72
CA VAL B 241 1.73 -6.46 26.76
C VAL B 241 2.30 -5.43 27.71
N ILE B 242 1.51 -4.40 27.99
CA ILE B 242 1.93 -3.39 28.95
C ILE B 242 1.00 -3.65 30.11
N ALA B 243 1.56 -3.90 31.28
CA ALA B 243 0.74 -4.19 32.46
C ALA B 243 1.26 -3.48 33.69
N ASP B 244 0.36 -2.88 34.47
CA ASP B 244 0.76 -2.19 35.69
C ASP B 244 0.49 -3.12 36.87
N SER B 245 0.60 -2.60 38.09
CA SER B 245 0.41 -3.41 39.29
C SER B 245 -0.99 -3.98 39.48
N GLY B 246 -1.96 -3.39 38.77
CA GLY B 246 -3.32 -3.86 38.89
C GLY B 246 -3.69 -5.01 37.96
N ALA B 247 -2.76 -5.43 37.09
CA ALA B 247 -3.04 -6.53 36.18
C ALA B 247 -3.05 -7.89 36.85
N THR B 248 -3.79 -8.81 36.25
CA THR B 248 -3.90 -10.18 36.75
C THR B 248 -2.85 -10.99 36.02
N PRO B 249 -1.90 -11.56 36.77
CA PRO B 249 -0.83 -12.38 36.19
C PRO B 249 -1.33 -13.40 35.19
N ASP B 250 -2.33 -14.18 35.58
CA ASP B 250 -2.86 -15.20 34.70
C ASP B 250 -3.42 -14.64 33.39
N PHE B 251 -4.00 -13.44 33.44
CA PHE B 251 -4.56 -12.82 32.23
C PHE B 251 -3.40 -12.46 31.30
N VAL B 252 -2.35 -11.86 31.88
CA VAL B 252 -1.19 -11.45 31.10
C VAL B 252 -0.56 -12.68 30.45
N ALA B 253 -0.34 -13.70 31.28
CA ALA B 253 0.26 -14.95 30.83
C ALA B 253 -0.52 -15.65 29.71
N SER B 254 -1.85 -15.69 29.85
CA SER B 254 -2.66 -16.36 28.83
C SER B 254 -2.53 -15.66 27.47
N ASP B 255 -2.37 -14.35 27.48
CA ASP B 255 -2.22 -13.66 26.21
C ASP B 255 -0.85 -13.91 25.59
N LEU B 256 0.17 -14.00 26.45
CA LEU B 256 1.53 -14.26 26.01
C LEU B 256 1.57 -15.65 25.40
N LEU B 257 0.88 -16.59 26.05
CA LEU B 257 0.84 -17.96 25.57
C LEU B 257 0.02 -18.09 24.29
N SER B 258 -1.04 -17.27 24.17
CA SER B 258 -1.89 -17.32 22.98
C SER B 258 -1.03 -17.00 21.76
N GLN B 259 -0.20 -15.96 21.87
CA GLN B 259 0.67 -15.57 20.77
C GLN B 259 1.77 -16.61 20.58
N ALA B 260 2.39 -17.03 21.67
CA ALA B 260 3.47 -18.01 21.62
C ALA B 260 3.09 -19.31 20.93
N GLU B 261 1.84 -19.73 21.06
CA GLU B 261 1.44 -20.98 20.44
C GLU B 261 1.17 -20.86 18.94
N HIS B 262 1.33 -19.67 18.40
CA HIS B 262 1.12 -19.46 16.96
C HIS B 262 2.31 -19.90 16.09
N GLY B 263 3.46 -20.15 16.71
CA GLY B 263 4.62 -20.55 15.94
C GLY B 263 5.92 -20.41 16.74
N PRO B 264 6.92 -21.27 16.48
CA PRO B 264 8.19 -21.22 17.19
C PRO B 264 8.98 -19.92 16.98
N ASP B 265 8.51 -19.07 16.08
CA ASP B 265 9.20 -17.81 15.81
C ASP B 265 8.48 -16.61 16.41
N SER B 266 7.37 -16.85 17.08
CA SER B 266 6.59 -15.77 17.69
C SER B 266 7.45 -14.96 18.66
N GLN B 267 7.16 -13.67 18.74
CA GLN B 267 7.87 -12.76 19.63
C GLN B 267 6.85 -12.33 20.69
N VAL B 268 7.14 -12.63 21.96
CA VAL B 268 6.23 -12.26 23.03
C VAL B 268 7.00 -11.39 24.01
N ILE B 269 6.42 -10.24 24.32
CA ILE B 269 7.04 -9.27 25.19
C ILE B 269 6.11 -8.71 26.23
N LEU B 270 6.67 -8.47 27.41
CA LEU B 270 5.94 -7.88 28.53
C LEU B 270 6.71 -6.66 29.01
N LEU B 271 6.03 -5.53 29.15
CA LEU B 271 6.65 -4.32 29.67
C LEU B 271 5.81 -3.91 30.89
N THR B 272 6.42 -3.98 32.07
CA THR B 272 5.73 -3.60 33.30
C THR B 272 6.63 -2.80 34.22
N PRO B 273 6.05 -1.82 34.92
CA PRO B 273 6.82 -0.98 35.85
C PRO B 273 7.11 -1.76 37.13
N ALA B 274 6.33 -2.81 37.38
CA ALA B 274 6.48 -3.59 38.61
C ALA B 274 7.27 -4.88 38.49
N ALA B 275 8.39 -4.94 39.20
CA ALA B 275 9.23 -6.14 39.18
C ALA B 275 8.45 -7.35 39.71
N ASP B 276 7.56 -7.10 40.68
CA ASP B 276 6.73 -8.16 41.27
C ASP B 276 5.76 -8.71 40.23
N ALA B 278 6.31 -8.78 36.92
CA ALA B 278 7.09 -9.57 35.98
C ALA B 278 7.30 -10.96 36.54
N ARG B 279 7.74 -11.05 37.80
CA ARG B 279 7.95 -12.36 38.41
C ARG B 279 6.66 -13.20 38.43
N ARG B 280 5.55 -12.59 38.85
CA ARG B 280 4.29 -13.32 38.89
C ARG B 280 3.85 -13.79 37.50
N VAL B 281 4.05 -12.95 36.49
CA VAL B 281 3.68 -13.32 35.14
C VAL B 281 4.56 -14.47 34.67
N ALA B 282 5.84 -14.42 35.01
CA ALA B 282 6.78 -15.47 34.62
C ALA B 282 6.33 -16.81 35.22
N GLU B 283 5.94 -16.78 36.49
CA GLU B 283 5.48 -18.00 37.16
C GLU B 283 4.14 -18.44 36.56
N ALA B 284 3.26 -17.50 36.26
CA ALA B 284 1.96 -17.84 35.68
C ALA B 284 2.18 -18.51 34.33
N VAL B 285 3.14 -18.00 33.57
CA VAL B 285 3.42 -18.58 32.27
C VAL B 285 3.89 -20.02 32.40
N GLU B 286 4.74 -20.30 33.38
CA GLU B 286 5.23 -21.66 33.55
C GLU B 286 4.13 -22.61 34.00
N ARG B 287 3.27 -22.15 34.90
CA ARG B 287 2.18 -22.99 35.38
C ARG B 287 1.18 -23.28 34.26
N GLN B 288 0.83 -22.26 33.47
CA GLN B 288 -0.12 -22.48 32.38
C GLN B 288 0.47 -23.34 31.29
N LEU B 289 1.77 -23.17 31.03
CA LEU B 289 2.43 -23.95 30.01
C LEU B 289 2.35 -25.45 30.32
N ALA B 290 2.43 -25.79 31.60
CA ALA B 290 2.39 -27.18 32.03
C ALA B 290 1.06 -27.87 31.71
N GLU B 291 0.02 -27.08 31.45
CA GLU B 291 -1.30 -27.64 31.13
C GLU B 291 -1.62 -27.66 29.65
N LEU B 292 -0.77 -27.03 28.84
CA LEU B 292 -1.02 -27.02 27.40
C LEU B 292 -0.71 -28.38 26.78
N PRO B 293 -1.73 -29.02 26.20
CA PRO B 293 -1.63 -30.34 25.56
C PRO B 293 -0.31 -30.52 24.83
N ARG B 294 -0.12 -29.75 23.78
CA ARG B 294 1.09 -29.83 22.99
C ARG B 294 1.62 -28.42 22.83
N ALA B 295 2.43 -28.00 23.79
CA ALA B 295 2.99 -26.66 23.78
C ALA B 295 4.48 -26.59 23.48
N GLU B 296 4.97 -27.51 22.65
CA GLU B 296 6.39 -27.50 22.29
C GLU B 296 6.64 -26.22 21.51
N THR B 297 5.69 -25.86 20.66
CA THR B 297 5.78 -24.64 19.88
C THR B 297 5.84 -23.44 20.83
N ALA B 298 4.85 -23.36 21.73
CA ALA B 298 4.78 -22.28 22.70
C ALA B 298 6.08 -22.21 23.51
N ARG B 299 6.54 -23.38 23.94
CA ARG B 299 7.77 -23.49 24.71
C ARG B 299 8.96 -22.87 23.97
N GLN B 300 9.17 -23.29 22.73
CA GLN B 300 10.30 -22.77 21.96
C GLN B 300 10.20 -21.26 21.74
N ALA B 301 9.00 -20.78 21.45
CA ALA B 301 8.77 -19.35 21.23
C ALA B 301 9.12 -18.53 22.47
N LEU B 302 8.85 -19.08 23.65
CA LEU B 302 9.13 -18.38 24.90
C LEU B 302 10.62 -18.18 25.16
N ASN B 303 11.46 -18.99 24.52
CA ASN B 303 12.91 -18.85 24.72
C ASN B 303 13.41 -17.51 24.24
N ALA B 304 12.67 -16.90 23.32
CA ALA B 304 13.04 -15.60 22.80
C ALA B 304 12.13 -14.51 23.38
N SER B 305 11.36 -14.83 24.41
CA SER B 305 10.46 -13.83 25.01
C SER B 305 11.26 -12.82 25.84
N ARG B 306 10.62 -11.70 26.15
CA ARG B 306 11.24 -10.65 26.95
C ARG B 306 10.23 -10.08 27.93
N LEU B 307 10.51 -10.26 29.22
CA LEU B 307 9.66 -9.78 30.32
C LEU B 307 10.47 -8.65 30.95
N ILE B 308 10.22 -7.44 30.46
CA ILE B 308 10.96 -6.26 30.87
C ILE B 308 10.33 -5.37 31.92
N VAL B 309 11.07 -5.14 32.99
CA VAL B 309 10.64 -4.27 34.08
C VAL B 309 11.17 -2.87 33.74
N THR B 310 10.28 -1.90 33.70
CA THR B 310 10.70 -0.53 33.37
C THR B 310 10.59 0.39 34.57
N LYS B 311 10.86 1.67 34.36
CA LYS B 311 10.79 2.67 35.41
C LYS B 311 9.34 3.09 35.71
N ASP B 312 8.55 3.20 34.65
CA ASP B 312 7.15 3.60 34.76
C ASP B 312 6.43 3.33 33.46
N LEU B 313 5.13 3.60 33.41
CA LEU B 313 4.37 3.36 32.19
C LEU B 313 4.85 4.21 31.02
N ALA B 314 5.31 5.43 31.33
CA ALA B 314 5.79 6.33 30.30
C ALA B 314 6.90 5.63 29.51
N GLN B 315 7.81 4.97 30.22
CA GLN B 315 8.90 4.24 29.59
C GLN B 315 8.35 3.02 28.84
N CYS B 316 7.26 2.45 29.35
CA CYS B 316 6.65 1.32 28.67
C CYS B 316 6.19 1.80 27.29
N VAL B 317 5.44 2.89 27.26
CA VAL B 317 4.96 3.45 26.00
C VAL B 317 6.11 3.81 25.04
N GLU B 318 7.16 4.41 25.58
CA GLU B 318 8.32 4.80 24.77
C GLU B 318 8.92 3.59 24.06
N ILE B 319 9.13 2.51 24.82
CA ILE B 319 9.70 1.29 24.27
C ILE B 319 8.76 0.64 23.24
N SER B 320 7.48 0.58 23.57
CA SER B 320 6.52 -0.02 22.64
C SER B 320 6.51 0.76 21.33
N ASN B 321 6.46 2.08 21.42
CA ASN B 321 6.44 2.89 20.20
C ASN B 321 7.68 2.65 19.32
N GLN B 322 8.86 2.50 19.91
CA GLN B 322 10.04 2.24 19.09
C GLN B 322 9.93 0.86 18.43
N TYR B 323 9.32 -0.10 19.13
CA TYR B 323 9.17 -1.45 18.61
C TYR B 323 8.06 -1.57 17.57
N GLY B 324 6.90 -0.99 17.86
CA GLY B 324 5.77 -1.04 16.94
C GLY B 324 5.30 -2.49 16.82
N PRO B 325 4.75 -3.06 17.90
CA PRO B 325 4.29 -4.44 17.87
C PRO B 325 3.03 -4.71 17.07
N GLU B 326 2.97 -5.89 16.50
CA GLU B 326 1.80 -6.33 15.73
C GLU B 326 0.56 -6.17 16.59
N HIS B 327 0.59 -6.76 17.79
CA HIS B 327 -0.52 -6.67 18.74
C HIS B 327 -0.05 -5.94 19.98
N LEU B 328 -0.78 -4.91 20.41
CA LEU B 328 -0.43 -4.19 21.63
C LEU B 328 -1.56 -4.41 22.61
N ILE B 329 -1.27 -5.04 23.74
CA ILE B 329 -2.27 -5.30 24.75
C ILE B 329 -1.95 -4.43 25.96
N ILE B 330 -2.91 -3.60 26.36
CA ILE B 330 -2.72 -2.69 27.48
C ILE B 330 -3.52 -3.06 28.68
N GLN B 331 -2.90 -3.76 29.63
CA GLN B 331 -3.60 -4.15 30.84
C GLN B 331 -3.20 -3.24 32.00
N THR B 332 -3.60 -1.98 31.92
CA THR B 332 -3.29 -1.02 32.96
C THR B 332 -4.56 -0.34 33.42
N ARG B 333 -4.47 0.29 34.58
CA ARG B 333 -5.59 0.99 35.17
C ARG B 333 -6.20 2.03 34.23
N ASN B 334 -5.35 2.77 33.53
CA ASN B 334 -5.81 3.83 32.61
C ASN B 334 -5.61 3.47 31.13
N ALA B 335 -5.95 2.25 30.76
CA ALA B 335 -5.75 1.78 29.38
C ALA B 335 -6.06 2.76 28.25
N ARG B 336 -7.32 3.09 28.07
CA ARG B 336 -7.70 4.01 26.99
C ARG B 336 -6.91 5.31 26.97
N GLU B 337 -6.57 5.82 28.15
CA GLU B 337 -5.81 7.08 28.23
C GLU B 337 -4.48 7.05 27.48
N LEU B 338 -3.87 5.87 27.40
CA LEU B 338 -2.60 5.71 26.73
C LEU B 338 -2.65 5.67 25.21
N VAL B 339 -3.73 5.13 24.66
CA VAL B 339 -3.88 5.02 23.21
C VAL B 339 -3.35 6.22 22.43
N ASP B 340 -3.71 7.42 22.87
CA ASP B 340 -3.25 8.63 22.19
C ASP B 340 -1.73 8.67 22.04
N SER B 341 -1.03 8.19 23.06
CA SER B 341 0.43 8.15 23.05
C SER B 341 1.00 7.02 22.21
N ILE B 342 0.15 6.07 21.82
CA ILE B 342 0.60 4.96 21.00
C ILE B 342 0.68 5.43 19.55
N THR B 343 1.91 5.56 19.06
CA THR B 343 2.14 6.03 17.69
C THR B 343 2.30 4.90 16.67
N SER B 344 2.59 3.69 17.15
CA SER B 344 2.77 2.56 16.24
C SER B 344 2.43 1.19 16.85
N ALA B 345 1.45 0.53 16.25
CA ALA B 345 0.98 -0.79 16.67
C ALA B 345 -0.02 -1.28 15.64
N GLY B 346 -0.02 -2.58 15.36
CA GLY B 346 -0.97 -3.12 14.41
C GLY B 346 -2.40 -3.03 14.90
N SER B 347 -2.64 -3.60 16.09
CA SER B 347 -3.98 -3.58 16.69
C SER B 347 -3.82 -3.50 18.20
N VAL B 348 -4.60 -2.63 18.83
CA VAL B 348 -4.52 -2.43 20.27
C VAL B 348 -5.72 -3.02 21.03
N PHE B 349 -5.43 -3.67 22.14
CA PHE B 349 -6.45 -4.30 23.00
C PHE B 349 -6.43 -3.60 24.36
N LEU B 350 -7.59 -3.16 24.83
CA LEU B 350 -7.66 -2.42 26.09
C LEU B 350 -8.37 -3.09 27.28
N GLY B 351 -7.74 -3.03 28.46
CA GLY B 351 -8.37 -3.59 29.64
C GLY B 351 -8.22 -5.08 29.88
N ASP B 352 -8.77 -5.54 30.99
CA ASP B 352 -8.68 -6.95 31.35
C ASP B 352 -9.52 -7.93 30.52
N TRP B 353 -10.58 -7.43 29.88
CA TRP B 353 -11.47 -8.31 29.15
C TRP B 353 -11.38 -8.26 27.63
N SER B 354 -10.20 -7.88 27.11
CA SER B 354 -9.98 -7.80 25.67
C SER B 354 -8.83 -8.71 25.28
N PRO B 355 -9.00 -10.02 25.44
CA PRO B 355 -7.93 -10.96 25.09
C PRO B 355 -7.58 -10.92 23.61
N GLU B 356 -6.33 -11.27 23.30
CA GLU B 356 -5.91 -11.29 21.90
C GLU B 356 -6.88 -12.16 21.13
N SER B 357 -7.29 -13.24 21.78
CA SER B 357 -8.22 -14.23 21.25
C SER B 357 -9.54 -13.59 20.81
N ALA B 358 -9.99 -12.59 21.57
CA ALA B 358 -11.25 -11.92 21.25
C ALA B 358 -11.16 -11.20 19.91
N GLY B 359 -10.01 -10.58 19.64
CA GLY B 359 -9.81 -9.88 18.37
C GLY B 359 -9.55 -10.82 17.21
N ASP B 360 -8.90 -11.95 17.49
CA ASP B 360 -8.61 -12.95 16.46
C ASP B 360 -9.88 -13.55 15.86
N TYR B 361 -10.92 -13.69 16.67
CA TYR B 361 -12.15 -14.35 16.24
C TYR B 361 -13.48 -13.64 16.15
N ALA B 362 -13.82 -12.79 17.13
CA ALA B 362 -15.14 -12.19 17.10
C ALA B 362 -15.39 -10.72 17.42
N SER B 363 -14.39 -9.97 17.85
CA SER B 363 -14.65 -8.56 18.16
C SER B 363 -15.13 -7.86 16.90
N GLY B 364 -14.55 -8.23 15.76
CA GLY B 364 -14.93 -7.60 14.51
C GLY B 364 -13.73 -7.00 13.81
N THR B 365 -12.62 -6.82 14.52
CA THR B 365 -11.43 -6.27 13.90
C THR B 365 -10.78 -7.35 13.04
N ASN B 366 -9.90 -6.93 12.14
CA ASN B 366 -9.23 -7.90 11.27
C ASN B 366 -7.97 -8.42 11.98
N HIS B 367 -7.73 -9.73 11.90
CA HIS B 367 -6.54 -10.27 12.55
C HIS B 367 -5.37 -10.43 11.57
N VAL B 368 -5.55 -9.97 10.34
CA VAL B 368 -4.47 -10.02 9.34
C VAL B 368 -3.76 -8.69 9.55
N LEU B 369 -2.66 -8.72 10.30
CA LEU B 369 -1.95 -7.49 10.63
C LEU B 369 -0.48 -7.42 10.23
N PRO B 370 0.04 -6.20 10.09
CA PRO B 370 1.44 -6.00 9.73
C PRO B 370 2.28 -6.40 10.93
N THR B 371 3.42 -7.04 10.68
CA THR B 371 4.30 -7.46 11.76
C THR B 371 5.75 -7.27 11.30
N TYR B 372 6.68 -7.80 12.09
CA TYR B 372 8.09 -7.73 11.75
C TYR B 372 8.56 -6.29 11.51
N GLY B 373 7.93 -5.35 12.19
CA GLY B 373 8.32 -3.96 12.04
C GLY B 373 7.63 -3.21 10.92
N TYR B 374 6.85 -3.93 10.11
CA TYR B 374 6.16 -3.29 9.01
C TYR B 374 5.06 -2.33 9.51
N THR B 375 4.81 -2.36 10.81
CA THR B 375 3.82 -1.47 11.42
C THR B 375 4.28 -0.02 11.28
N ALA B 376 5.52 0.17 10.83
CA ALA B 376 6.06 1.52 10.65
C ALA B 376 5.34 2.29 9.56
N THR B 377 4.87 1.58 8.53
CA THR B 377 4.17 2.25 7.43
C THR B 377 2.99 1.46 6.89
N CYS B 378 2.82 0.21 7.35
CA CYS B 378 1.72 -0.62 6.87
C CYS B 378 0.57 -0.68 7.87
N SER B 379 -0.64 -0.87 7.38
CA SER B 379 -1.82 -0.92 8.25
C SER B 379 -2.46 -2.29 8.36
N SER B 380 -3.30 -2.44 9.37
CA SER B 380 -4.03 -3.69 9.55
C SER B 380 -4.80 -3.91 8.25
N LEU B 381 -5.05 -5.16 7.89
CA LEU B 381 -5.82 -5.41 6.69
C LEU B 381 -7.18 -4.75 6.93
N GLY B 382 -7.75 -4.14 5.90
CA GLY B 382 -9.04 -3.48 6.06
C GLY B 382 -9.71 -3.29 4.71
N LEU B 383 -10.88 -2.65 4.72
CA LEU B 383 -11.63 -2.41 3.49
C LEU B 383 -10.81 -1.77 2.37
N ALA B 384 -9.92 -0.87 2.75
CA ALA B 384 -9.07 -0.15 1.82
C ALA B 384 -8.16 -1.05 0.99
N ASP B 385 -7.82 -2.21 1.54
CA ASP B 385 -6.94 -3.14 0.85
C ASP B 385 -7.61 -3.90 -0.30
N PHE B 386 -8.93 -3.81 -0.37
CA PHE B 386 -9.66 -4.47 -1.44
C PHE B 386 -10.23 -3.42 -2.40
N GLN B 387 -9.68 -2.20 -2.33
CA GLN B 387 -10.13 -1.08 -3.17
C GLN B 387 -8.98 -0.24 -3.73
N LYS B 388 -9.35 0.73 -4.56
CA LYS B 388 -8.42 1.67 -5.17
C LYS B 388 -9.02 3.07 -5.14
N ARG B 389 -8.18 4.07 -4.91
CA ARG B 389 -8.62 5.46 -4.88
C ARG B 389 -8.28 6.04 -6.25
N THR B 391 -8.64 9.56 -8.69
CA THR B 391 -8.84 10.99 -8.68
C THR B 391 -9.59 11.45 -9.93
N VAL B 392 -10.46 12.43 -9.75
CA VAL B 392 -11.27 12.97 -10.85
C VAL B 392 -11.34 14.49 -10.70
N GLN B 393 -11.17 15.21 -11.81
CA GLN B 393 -11.26 16.66 -11.78
C GLN B 393 -11.91 17.20 -13.02
N GLU B 394 -12.63 18.30 -12.85
CA GLU B 394 -13.30 18.97 -13.95
C GLU B 394 -13.31 20.47 -13.68
N LEU B 395 -12.71 21.22 -14.58
CA LEU B 395 -12.69 22.67 -14.42
C LEU B 395 -13.69 23.26 -15.40
N SER B 396 -14.50 24.21 -14.95
CA SER B 396 -15.45 24.84 -15.85
C SER B 396 -14.63 25.86 -16.63
N LYS B 397 -15.25 26.52 -17.60
CA LYS B 397 -14.54 27.53 -18.39
C LYS B 397 -14.07 28.62 -17.42
N GLU B 398 -14.97 28.98 -16.51
CA GLU B 398 -14.66 30.00 -15.51
C GLU B 398 -13.51 29.52 -14.63
N GLY B 399 -13.62 28.29 -14.13
CA GLY B 399 -12.58 27.73 -13.28
C GLY B 399 -11.25 27.64 -14.00
N PHE B 400 -11.28 27.16 -15.23
CA PHE B 400 -10.04 27.06 -16.01
C PHE B 400 -9.46 28.44 -16.26
N SER B 401 -10.33 29.38 -16.63
CA SER B 401 -9.89 30.73 -16.92
C SER B 401 -9.26 31.41 -15.72
N ALA B 402 -9.77 31.14 -14.52
CA ALA B 402 -9.20 31.77 -13.33
C ALA B 402 -7.87 31.16 -12.93
N LEU B 403 -7.61 29.94 -13.39
CA LEU B 403 -6.38 29.24 -13.01
C LEU B 403 -5.33 29.20 -14.11
N ALA B 404 -5.66 29.72 -15.28
CA ALA B 404 -4.74 29.68 -16.42
C ALA B 404 -3.38 30.34 -16.28
N SER B 405 -3.32 31.55 -15.74
CA SER B 405 -2.04 32.23 -15.59
C SER B 405 -1.10 31.46 -14.67
N THR B 406 -1.66 30.87 -13.62
CA THR B 406 -0.87 30.10 -12.66
C THR B 406 -0.23 28.90 -13.36
N ILE B 407 -1.04 28.18 -14.12
CA ILE B 407 -0.55 27.00 -14.83
C ILE B 407 0.55 27.35 -15.81
N GLU B 408 0.34 28.38 -16.62
CA GLU B 408 1.35 28.79 -17.58
C GLU B 408 2.64 29.18 -16.89
N THR B 409 2.54 29.95 -15.82
CA THR B 409 3.71 30.38 -15.06
C THR B 409 4.51 29.18 -14.59
N LEU B 410 3.83 28.23 -13.94
CA LEU B 410 4.50 27.04 -13.43
C LEU B 410 5.08 26.18 -14.56
N ALA B 411 4.29 26.00 -15.62
CA ALA B 411 4.71 25.20 -16.77
C ALA B 411 5.96 25.82 -17.39
N ALA B 412 5.93 27.14 -17.57
CA ALA B 412 7.05 27.86 -18.15
C ALA B 412 8.27 27.71 -17.26
N ALA B 413 8.05 27.74 -15.94
CA ALA B 413 9.15 27.61 -15.00
C ALA B 413 9.82 26.24 -15.10
N GLU B 414 9.05 25.20 -15.44
CA GLU B 414 9.62 23.86 -15.57
C GLU B 414 10.07 23.60 -17.01
N ARG B 415 10.00 24.63 -17.84
CA ARG B 415 10.39 24.53 -19.24
C ARG B 415 9.66 23.42 -19.98
N LEU B 416 8.37 23.29 -19.72
CA LEU B 416 7.53 22.30 -20.38
C LEU B 416 6.57 23.09 -21.25
N THR B 417 7.07 23.47 -22.42
CA THR B 417 6.33 24.28 -23.38
C THR B 417 4.98 23.72 -23.83
N ALA B 418 4.90 22.43 -24.09
CA ALA B 418 3.62 21.87 -24.53
C ALA B 418 2.61 21.97 -23.40
N HIS B 419 3.06 21.87 -22.17
CA HIS B 419 2.16 21.95 -21.03
C HIS B 419 1.58 23.36 -21.02
N LYS B 420 2.44 24.33 -21.30
CA LYS B 420 2.03 25.71 -21.31
C LYS B 420 1.11 25.96 -22.49
N ASN B 421 1.45 25.40 -23.64
CA ASN B 421 0.63 25.60 -24.84
C ASN B 421 -0.77 25.03 -24.72
N ALA B 422 -0.93 23.96 -23.96
CA ALA B 422 -2.24 23.36 -23.79
C ALA B 422 -3.15 24.36 -23.09
N VAL B 423 -2.57 25.30 -22.34
CA VAL B 423 -3.36 26.31 -21.64
C VAL B 423 -3.65 27.46 -22.61
N THR B 424 -2.60 27.98 -23.24
CA THR B 424 -2.75 29.09 -24.19
C THR B 424 -3.84 28.84 -25.24
N LEU B 425 -3.83 27.64 -25.83
CA LEU B 425 -4.79 27.27 -26.85
C LEU B 425 -6.23 27.42 -26.35
N ARG B 426 -6.46 26.93 -25.13
CA ARG B 426 -7.77 26.99 -24.53
C ARG B 426 -8.15 28.46 -24.22
N VAL B 427 -7.21 29.21 -23.66
CA VAL B 427 -7.45 30.61 -23.34
C VAL B 427 -7.84 31.38 -24.60
N ASN B 428 -7.12 31.15 -25.70
CA ASN B 428 -7.43 31.84 -26.94
C ASN B 428 -8.77 31.43 -27.53
N ALA B 429 -9.09 30.14 -27.41
CA ALA B 429 -10.37 29.64 -27.92
C ALA B 429 -11.52 30.32 -27.17
N LEU B 430 -11.33 30.58 -25.87
CA LEU B 430 -12.36 31.24 -25.08
C LEU B 430 -12.50 32.73 -25.44
N LYS B 431 -11.39 33.40 -25.72
CA LYS B 431 -11.44 34.80 -26.13
C LYS B 431 -12.29 34.84 -27.41
N GLU B 432 -11.82 34.11 -28.41
CA GLU B 432 -12.50 34.02 -29.70
C GLU B 432 -14.01 33.87 -29.48
N GLN B 433 -14.39 32.84 -28.73
CA GLN B 433 -15.80 32.58 -28.45
C GLN B 433 -16.52 33.80 -27.88
N ALA B 434 -15.89 34.45 -26.90
CA ALA B 434 -16.48 35.64 -26.27
C ALA B 434 -15.41 36.44 -25.52
#